data_4CFV
#
_entry.id   4CFV
#
_cell.length_a   74.068
_cell.length_b   133.913
_cell.length_c   147.890
_cell.angle_alpha   90.00
_cell.angle_beta   90.00
_cell.angle_gamma   90.00
#
_symmetry.space_group_name_H-M   'P 21 21 21'
#
loop_
_entity.id
_entity.type
_entity.pdbx_description
1 polymer 'CYCLIN-DEPENDENT KINASE 2'
2 polymer CYCLIN-A2
3 non-polymer 3-[2-amino-6-(cyclohexylmethoxy)-7H-purin-8-yl]-2-methylphenol
4 non-polymer 'MAGNESIUM ION'
5 water water
#
loop_
_entity_poly.entity_id
_entity_poly.type
_entity_poly.pdbx_seq_one_letter_code
_entity_poly.pdbx_strand_id
1 'polypeptide(L)'
;GPPGSMENFQKVEKIGEGTYGVVYKARNKLTGEVVALKKIRLDTETEGVPSTAIREISLLKELNHPNIVKLLDVIHTENK
LYLVFEFLHQDLKKFMDASALTGIPLPLIKSYLFQLLQGLAFCHSHRVLHRDLKPQNLLINTEGAIKLADFGLARAFGVP
VRTY(TPO)HEVVTLWYRAPEILLGCKYYSTAVDIWSLGCIFAEMVTRRALFPGDSEIDQLFRIFRTLGTPDEVVWPGVT
SMPDYKPSFPKWARQDFSKVVPPLDEDGRSLLSQMLHYDPNKRISAKAALAHPFFQDVTKPVPHLRL
;
A,C
2 'polypeptide(L)'
;GVNEVPDYHEDIHTYLREMEVKCKPKVGYMKKQPDITNSMRAILVDWLVEVGEEYKLQNETLHLAVNYIDRFLSSMSVLR
GKLQLVGTAAMLLASKFEEIYPPEVAEFVYITDDTYTKKQVLRMEHLVLKVLTFDLAAPTINQFLTQYFLHQQPANCKVE
SLAMFLGELSLIDADPYLKYLPSVIAAAAFHLALYTVTGQSWPESLVQKTGYTLETLKPCLLDLHQTYLRAPQHAQQSIR
EKYKNSKYHGVSLLNPPETLNL
;
B,D
#
loop_
_chem_comp.id
_chem_comp.type
_chem_comp.name
_chem_comp.formula
75X non-polymer 3-[2-amino-6-(cyclohexylmethoxy)-7H-purin-8-yl]-2-methylphenol 'C19 H23 N5 O2'
MG non-polymer 'MAGNESIUM ION' 'Mg 2'
#
# COMPACT_ATOMS: atom_id res chain seq x y z
N PRO A 3 9.32 -5.55 -3.67
CA PRO A 3 9.64 -5.68 -5.14
C PRO A 3 10.99 -6.44 -5.39
N GLY A 4 12.19 -5.81 -5.33
CA GLY A 4 13.51 -6.58 -5.50
C GLY A 4 13.99 -7.14 -4.15
N SER A 5 15.14 -7.82 -3.95
CA SER A 5 15.95 -8.70 -4.80
C SER A 5 17.23 -8.07 -5.31
N MET A 6 18.33 -8.28 -4.58
CA MET A 6 19.66 -7.86 -5.09
C MET A 6 20.17 -8.70 -6.27
N GLU A 7 19.58 -9.88 -6.41
CA GLU A 7 20.01 -10.73 -7.49
CA GLU A 7 19.91 -10.77 -7.50
C GLU A 7 19.69 -10.15 -8.88
N ASN A 8 18.67 -9.34 -9.02
CA ASN A 8 18.41 -8.70 -10.32
C ASN A 8 19.23 -7.47 -10.63
N PHE A 9 20.08 -7.01 -9.74
CA PHE A 9 20.89 -5.83 -10.03
C PHE A 9 22.33 -6.15 -10.39
N GLN A 10 22.87 -5.52 -11.43
CA GLN A 10 24.26 -5.70 -11.81
C GLN A 10 24.94 -4.37 -11.50
N LYS A 11 25.90 -4.37 -10.58
CA LYS A 11 26.65 -3.19 -10.26
C LYS A 11 27.49 -2.79 -11.47
N VAL A 12 27.49 -1.52 -11.79
CA VAL A 12 28.17 -1.01 -12.96
C VAL A 12 29.42 -0.31 -12.47
N GLU A 13 29.30 0.56 -11.47
CA GLU A 13 30.49 1.23 -10.95
C GLU A 13 30.13 1.98 -9.69
N LYS A 14 31.17 2.37 -8.97
CA LYS A 14 31.02 3.19 -7.77
C LYS A 14 30.70 4.62 -8.18
N ILE A 15 29.75 5.29 -7.56
CA ILE A 15 29.47 6.69 -7.90
C ILE A 15 29.71 7.62 -6.80
N GLY A 16 30.19 7.16 -5.65
CA GLY A 16 30.39 8.04 -4.52
C GLY A 16 30.28 7.34 -3.16
N GLU A 17 30.33 8.17 -2.12
CA GLU A 17 30.39 7.67 -0.75
C GLU A 17 29.64 8.59 0.27
N GLY A 18 29.63 8.09 1.47
CA GLY A 18 28.68 8.56 2.54
C GLY A 18 29.20 7.96 3.86
N THR A 19 28.49 8.17 4.99
CA THR A 19 29.13 7.87 6.25
C THR A 19 29.12 6.52 7.04
N TYR A 20 28.25 5.47 6.93
N TYR A 20 28.25 5.53 6.88
CA TYR A 20 27.22 5.05 5.85
CA TYR A 20 27.77 5.01 5.61
C TYR A 20 26.68 5.94 4.71
C TYR A 20 26.81 5.83 4.74
N GLY A 21 26.76 5.44 3.47
CA GLY A 21 27.57 4.25 3.02
C GLY A 21 28.24 4.43 1.68
N VAL A 22 28.11 3.37 0.83
CA VAL A 22 28.64 3.35 -0.55
C VAL A 22 27.47 3.47 -1.59
N VAL A 23 27.64 4.36 -2.55
CA VAL A 23 26.62 4.51 -3.61
C VAL A 23 27.21 3.94 -4.90
N TYR A 24 26.48 2.96 -5.51
CA TYR A 24 26.81 2.44 -6.79
C TYR A 24 25.77 2.79 -7.87
N LYS A 25 26.23 2.86 -9.11
CA LYS A 25 25.38 2.80 -10.27
C LYS A 25 25.18 1.33 -10.56
N ALA A 26 23.93 0.95 -10.80
CA ALA A 26 23.62 -0.41 -11.15
C ALA A 26 22.55 -0.49 -12.23
N ARG A 27 22.38 -1.65 -12.82
CA ARG A 27 21.27 -1.83 -13.73
CA ARG A 27 21.30 -1.84 -13.77
C ARG A 27 20.43 -3.03 -13.35
N ASN A 28 19.14 -2.87 -13.44
CA ASN A 28 18.20 -3.98 -13.32
C ASN A 28 18.29 -4.83 -14.55
N LYS A 29 18.72 -6.08 -14.39
CA LYS A 29 18.96 -6.97 -15.52
C LYS A 29 17.70 -7.35 -16.31
N LEU A 30 16.57 -7.30 -15.66
CA LEU A 30 15.34 -7.74 -16.30
C LEU A 30 14.63 -6.58 -17.03
N THR A 31 14.57 -5.42 -16.40
CA THR A 31 13.85 -4.26 -16.93
C THR A 31 14.72 -3.27 -17.66
N GLY A 32 16.03 -3.35 -17.44
CA GLY A 32 16.98 -2.39 -18.06
C GLY A 32 17.24 -1.14 -17.23
N GLU A 33 16.36 -0.92 -16.27
CA GLU A 33 16.43 0.33 -15.52
C GLU A 33 17.78 0.53 -14.80
N VAL A 34 18.32 1.74 -14.95
CA VAL A 34 19.55 2.14 -14.31
C VAL A 34 19.18 2.84 -13.03
N VAL A 35 19.84 2.47 -11.95
CA VAL A 35 19.50 2.92 -10.62
C VAL A 35 20.83 3.29 -9.93
N ALA A 36 20.63 4.01 -8.84
CA ALA A 36 21.65 4.23 -7.85
C ALA A 36 21.26 3.46 -6.61
N LEU A 37 22.20 2.69 -6.11
CA LEU A 37 22.05 1.85 -4.92
C LEU A 37 22.88 2.44 -3.82
N LYS A 38 22.21 2.84 -2.73
CA LYS A 38 22.92 3.34 -1.57
C LYS A 38 22.90 2.22 -0.55
N LYS A 39 24.09 1.75 -0.21
CA LYS A 39 24.23 0.61 0.69
C LYS A 39 24.51 1.12 2.07
N ILE A 40 23.69 0.66 3.03
CA ILE A 40 23.78 1.16 4.41
C ILE A 40 24.15 -0.03 5.32
N ARG A 41 25.36 0.01 5.89
CA ARG A 41 25.84 -1.13 6.66
C ARG A 41 25.18 -1.21 8.03
N LEU A 42 24.69 -2.40 8.34
CA LEU A 42 24.16 -2.72 9.70
C LEU A 42 25.08 -3.77 10.38
N ASP A 43 26.41 -3.60 10.32
CA ASP A 43 27.24 -4.02 11.48
C ASP A 43 26.44 -3.07 12.36
N THR A 44 25.51 -3.61 13.15
CA THR A 44 24.40 -2.73 13.61
C THR A 44 24.90 -1.40 14.20
N GLU A 45 26.19 -1.35 14.59
CA GLU A 45 26.72 -0.36 15.53
C GLU A 45 26.38 -0.94 16.93
N THR A 46 25.58 -1.99 16.92
CA THR A 46 24.62 -2.29 17.96
C THR A 46 23.80 -1.03 18.45
N GLU A 47 23.68 -0.02 17.59
CA GLU A 47 22.58 0.94 17.77
C GLU A 47 21.43 0.68 16.79
N GLY A 48 21.50 -0.37 16.00
CA GLY A 48 20.43 -0.77 15.07
C GLY A 48 20.36 0.08 13.82
N VAL A 49 19.16 0.27 13.28
CA VAL A 49 19.04 1.05 12.08
C VAL A 49 19.24 2.55 12.37
N PRO A 50 20.15 3.20 11.68
CA PRO A 50 20.47 4.56 12.04
C PRO A 50 19.30 5.52 11.78
N SER A 51 19.21 6.52 12.63
CA SER A 51 18.07 7.37 12.60
C SER A 51 18.04 8.18 11.34
N THR A 52 19.21 8.51 10.79
CA THR A 52 19.31 9.20 9.51
CA THR A 52 19.26 9.21 9.52
C THR A 52 18.65 8.36 8.37
N ALA A 53 18.86 7.06 8.40
CA ALA A 53 18.28 6.16 7.40
C ALA A 53 16.73 6.04 7.61
N ILE A 54 16.33 5.91 8.86
CA ILE A 54 14.89 5.86 9.22
C ILE A 54 14.14 7.08 8.70
N ARG A 55 14.71 8.26 8.92
CA ARG A 55 14.15 9.49 8.38
C ARG A 55 14.20 9.58 6.85
N GLU A 56 15.36 9.28 6.27
CA GLU A 56 15.48 9.38 4.83
C GLU A 56 14.40 8.50 4.11
N ILE A 57 14.33 7.25 4.54
CA ILE A 57 13.41 6.33 3.90
C ILE A 57 11.93 6.69 4.14
N SER A 58 11.58 6.89 5.40
CA SER A 58 10.16 7.28 5.77
C SER A 58 9.71 8.51 5.03
N LEU A 59 10.57 9.50 4.91
CA LEU A 59 10.19 10.76 4.28
C LEU A 59 10.12 10.69 2.77
N LEU A 60 11.09 10.00 2.20
CA LEU A 60 11.12 9.83 0.75
C LEU A 60 9.94 8.99 0.24
N LYS A 61 9.49 8.03 1.02
CA LYS A 61 8.29 7.26 0.64
C LYS A 61 7.02 8.11 0.43
N GLU A 62 6.88 9.14 1.20
CA GLU A 62 5.81 10.08 1.00
C GLU A 62 6.03 11.07 -0.15
N LEU A 63 7.26 11.41 -0.48
CA LEU A 63 7.55 12.53 -1.38
C LEU A 63 7.71 12.09 -2.82
N ASN A 64 6.63 12.00 -3.56
CA ASN A 64 6.62 11.61 -4.97
CA ASN A 64 6.71 11.60 -4.94
C ASN A 64 6.45 12.84 -5.81
N HIS A 65 7.48 13.28 -6.49
CA HIS A 65 7.44 14.51 -7.22
C HIS A 65 8.59 14.49 -8.28
N PRO A 66 8.39 15.12 -9.42
CA PRO A 66 9.39 15.13 -10.49
C PRO A 66 10.73 15.75 -10.11
N ASN A 67 10.76 16.65 -9.14
CA ASN A 67 11.98 17.33 -8.69
C ASN A 67 12.51 16.90 -7.34
N ILE A 68 12.08 15.70 -6.91
CA ILE A 68 12.58 15.01 -5.75
C ILE A 68 13.04 13.64 -6.21
N VAL A 69 14.28 13.29 -5.83
CA VAL A 69 14.82 11.96 -6.19
C VAL A 69 13.87 10.87 -5.74
N LYS A 70 13.62 9.94 -6.66
CA LYS A 70 12.65 8.86 -6.41
C LYS A 70 13.29 7.67 -5.72
N LEU A 71 12.79 7.34 -4.57
CA LEU A 71 13.17 6.16 -3.89
C LEU A 71 12.31 5.03 -4.48
N LEU A 72 12.92 4.05 -5.14
CA LEU A 72 12.21 2.97 -5.79
C LEU A 72 11.94 1.77 -4.96
N ASP A 73 12.85 1.43 -4.05
CA ASP A 73 12.70 0.23 -3.28
C ASP A 73 13.68 0.25 -2.09
N VAL A 74 13.38 -0.58 -1.12
CA VAL A 74 14.22 -0.80 0.02
C VAL A 74 14.41 -2.28 0.18
N ILE A 75 15.65 -2.72 0.17
CA ILE A 75 16.01 -4.14 0.23
C ILE A 75 16.68 -4.27 1.58
N HIS A 76 15.95 -4.96 2.41
CA HIS A 76 16.11 -4.87 3.87
C HIS A 76 16.58 -6.14 4.46
N THR A 77 17.89 -6.39 4.56
CA THR A 77 18.31 -7.73 5.00
C THR A 77 18.87 -7.67 6.44
N GLU A 78 19.34 -8.82 6.89
CA GLU A 78 20.10 -9.01 8.14
C GLU A 78 21.01 -7.82 8.49
N ASN A 79 22.05 -7.68 7.67
CA ASN A 79 23.17 -6.75 7.92
C ASN A 79 23.31 -5.77 6.88
N LYS A 80 22.46 -5.72 5.86
CA LYS A 80 22.55 -4.66 4.85
C LYS A 80 21.19 -4.02 4.62
N LEU A 81 21.16 -2.72 4.44
CA LEU A 81 20.01 -2.08 3.92
C LEU A 81 20.44 -1.39 2.64
N TYR A 82 19.75 -1.66 1.54
CA TYR A 82 19.96 -0.96 0.27
C TYR A 82 18.76 -0.14 -0.09
N LEU A 83 19.01 1.14 -0.36
CA LEU A 83 18.03 1.99 -0.94
C LEU A 83 18.27 2.07 -2.47
N VAL A 84 17.23 1.74 -3.23
CA VAL A 84 17.28 1.76 -4.67
C VAL A 84 16.62 3.08 -5.12
N PHE A 85 17.39 3.96 -5.75
CA PHE A 85 16.91 5.22 -6.27
C PHE A 85 16.95 5.24 -7.79
N GLU A 86 16.16 6.06 -8.41
CA GLU A 86 16.36 6.38 -9.80
C GLU A 86 17.75 6.94 -9.98
N PHE A 87 18.38 6.64 -11.10
CA PHE A 87 19.72 7.16 -11.39
C PHE A 87 19.70 8.54 -12.01
N LEU A 88 20.50 9.45 -11.50
CA LEU A 88 20.75 10.69 -12.20
C LEU A 88 22.25 10.85 -12.49
N HIS A 89 22.57 11.61 -13.53
CA HIS A 89 23.89 11.62 -14.11
C HIS A 89 24.96 12.38 -13.40
N GLN A 90 24.64 13.47 -12.77
CA GLN A 90 25.63 14.33 -12.20
C GLN A 90 25.04 15.13 -11.06
N ASP A 91 25.86 15.73 -10.21
CA ASP A 91 25.36 16.68 -9.27
C ASP A 91 25.62 18.13 -9.79
N LEU A 92 24.94 19.08 -9.23
CA LEU A 92 25.01 20.46 -9.70
C LEU A 92 26.40 21.03 -9.46
N LYS A 93 27.06 20.58 -8.43
CA LYS A 93 28.38 21.10 -8.16
C LYS A 93 29.38 20.71 -9.30
N LYS A 94 29.37 19.45 -9.69
CA LYS A 94 30.19 19.01 -10.82
C LYS A 94 29.79 19.68 -12.12
N PHE A 95 28.50 19.95 -12.29
CA PHE A 95 28.08 20.62 -13.51
C PHE A 95 28.61 22.06 -13.56
N MET A 96 28.55 22.77 -12.43
CA MET A 96 29.10 24.09 -12.28
C MET A 96 30.60 24.16 -12.65
N ASP A 97 31.37 23.19 -12.10
CA ASP A 97 32.78 23.10 -12.39
C ASP A 97 32.98 22.84 -13.88
N ALA A 98 32.22 21.92 -14.46
CA ALA A 98 32.37 21.63 -15.90
C ALA A 98 32.00 22.87 -16.78
N SER A 99 31.20 23.78 -16.25
CA SER A 99 30.82 25.00 -16.94
C SER A 99 31.69 26.21 -16.66
N ALA A 100 32.85 25.94 -16.06
CA ALA A 100 33.82 27.03 -15.91
C ALA A 100 34.03 27.58 -17.31
N LEU A 101 34.27 28.85 -17.45
CA LEU A 101 34.60 29.34 -18.81
C LEU A 101 33.37 29.76 -19.55
N THR A 102 32.41 28.90 -19.83
CA THR A 102 31.21 29.47 -20.42
C THR A 102 30.36 30.10 -19.33
N GLY A 103 30.27 29.41 -18.19
CA GLY A 103 29.18 29.72 -17.27
C GLY A 103 27.90 28.97 -17.69
N ILE A 104 26.90 29.01 -16.89
CA ILE A 104 25.71 28.20 -17.17
C ILE A 104 24.77 29.15 -17.89
N PRO A 105 24.32 28.80 -19.08
CA PRO A 105 23.36 29.67 -19.73
C PRO A 105 22.16 30.05 -18.85
N LEU A 106 21.70 31.27 -18.95
CA LEU A 106 20.65 31.81 -18.09
C LEU A 106 19.38 30.95 -18.15
N PRO A 107 18.97 30.51 -19.34
CA PRO A 107 17.79 29.67 -19.43
C PRO A 107 17.86 28.44 -18.58
N LEU A 108 19.06 27.91 -18.41
CA LEU A 108 19.23 26.69 -17.61
C LEU A 108 19.24 27.02 -16.14
N ILE A 109 19.90 28.11 -15.79
CA ILE A 109 19.89 28.60 -14.40
C ILE A 109 18.43 28.87 -13.94
N LYS A 110 17.66 29.53 -14.79
CA LYS A 110 16.29 29.82 -14.46
C LYS A 110 15.39 28.55 -14.39
N SER A 111 15.60 27.64 -15.35
CA SER A 111 14.93 26.35 -15.35
C SER A 111 15.22 25.58 -14.06
N TYR A 112 16.48 25.52 -13.72
CA TYR A 112 16.88 24.74 -12.53
C TYR A 112 16.31 25.41 -11.28
N LEU A 113 16.41 26.72 -11.18
CA LEU A 113 15.86 27.36 -9.98
C LEU A 113 14.34 27.13 -9.79
N PHE A 114 13.64 27.21 -10.93
CA PHE A 114 12.22 27.04 -10.96
C PHE A 114 11.85 25.61 -10.52
N GLN A 115 12.59 24.64 -11.01
CA GLN A 115 12.36 23.23 -10.57
C GLN A 115 12.70 23.00 -9.11
N LEU A 116 13.80 23.60 -8.64
CA LEU A 116 14.23 23.45 -7.23
C LEU A 116 13.12 24.04 -6.34
N LEU A 117 12.57 25.13 -6.75
CA LEU A 117 11.49 25.74 -5.94
C LEU A 117 10.25 24.86 -5.97
N GLN A 118 9.94 24.23 -7.11
CA GLN A 118 8.76 23.30 -7.17
C GLN A 118 8.96 22.12 -6.20
N GLY A 119 10.17 21.58 -6.27
CA GLY A 119 10.55 20.45 -5.36
C GLY A 119 10.44 20.80 -3.89
N LEU A 120 10.96 21.98 -3.59
CA LEU A 120 10.98 22.44 -2.23
C LEU A 120 9.60 22.80 -1.70
N ALA A 121 8.83 23.45 -2.55
CA ALA A 121 7.46 23.76 -2.14
C ALA A 121 6.68 22.49 -1.86
N PHE A 122 6.91 21.44 -2.66
CA PHE A 122 6.28 20.16 -2.41
C PHE A 122 6.70 19.56 -1.02
N CYS A 123 7.99 19.63 -0.72
CA CYS A 123 8.48 19.20 0.61
C CYS A 123 7.74 19.93 1.70
N HIS A 124 7.74 21.26 1.62
CA HIS A 124 7.16 22.08 2.69
C HIS A 124 5.67 21.86 2.80
N SER A 125 4.98 21.62 1.68
CA SER A 125 3.59 21.36 1.74
C SER A 125 3.28 19.99 2.30
N HIS A 126 4.25 19.11 2.36
CA HIS A 126 4.17 17.85 3.02
C HIS A 126 4.93 17.80 4.34
N ARG A 127 5.07 18.97 4.96
N ARG A 127 5.07 18.97 4.96
CA ARG A 127 5.65 19.13 6.28
CA ARG A 127 5.66 19.15 6.27
C ARG A 127 7.06 18.50 6.43
C ARG A 127 7.06 18.50 6.43
N VAL A 128 7.87 18.63 5.39
CA VAL A 128 9.23 18.14 5.44
C VAL A 128 10.19 19.33 5.23
N LEU A 129 11.12 19.50 6.17
CA LEU A 129 12.26 20.40 5.99
C LEU A 129 13.46 19.59 5.44
N HIS A 130 14.15 20.11 4.43
CA HIS A 130 15.29 19.39 3.84
C HIS A 130 16.55 19.52 4.71
N ARG A 131 16.89 20.77 5.00
CA ARG A 131 17.92 21.16 5.93
C ARG A 131 19.39 20.84 5.46
N ASP A 132 19.58 20.51 4.19
CA ASP A 132 20.92 20.44 3.68
C ASP A 132 21.02 20.69 2.22
N LEU A 133 20.36 21.72 1.75
CA LEU A 133 20.36 22.02 0.34
C LEU A 133 21.70 22.70 -0.04
N LYS A 134 22.39 22.11 -1.00
CA LYS A 134 23.68 22.50 -1.44
C LYS A 134 23.88 21.85 -2.79
N PRO A 135 24.79 22.37 -3.62
CA PRO A 135 24.87 21.88 -4.98
C PRO A 135 25.20 20.40 -5.08
N GLN A 136 25.96 19.85 -4.13
CA GLN A 136 26.35 18.46 -4.12
C GLN A 136 25.15 17.54 -3.91
N ASN A 137 24.06 18.08 -3.37
CA ASN A 137 22.88 17.31 -3.03
C ASN A 137 21.71 17.52 -4.07
N LEU A 138 21.98 18.23 -5.13
CA LEU A 138 21.03 18.50 -6.18
C LEU A 138 21.52 17.79 -7.44
N LEU A 139 20.69 16.88 -7.92
CA LEU A 139 21.11 16.01 -9.00
C LEU A 139 20.43 16.33 -10.34
N ILE A 140 21.18 16.21 -11.43
CA ILE A 140 20.69 16.55 -12.76
C ILE A 140 20.75 15.39 -13.71
N ASN A 141 19.84 15.39 -14.66
CA ASN A 141 19.81 14.40 -15.73
C ASN A 141 20.01 14.99 -17.07
N THR A 142 20.06 14.15 -18.10
CA THR A 142 20.37 14.58 -19.40
C THR A 142 19.14 15.18 -20.13
N GLU A 143 17.98 15.13 -19.50
CA GLU A 143 16.79 15.67 -20.12
C GLU A 143 16.37 17.10 -19.53
N GLY A 144 17.17 17.63 -18.63
CA GLY A 144 17.01 18.97 -18.11
C GLY A 144 16.34 19.07 -16.78
N ALA A 145 16.09 17.93 -16.12
CA ALA A 145 15.61 17.91 -14.78
C ALA A 145 16.70 18.11 -13.77
N ILE A 146 16.31 18.73 -12.64
CA ILE A 146 17.11 18.82 -11.45
C ILE A 146 16.25 18.36 -10.32
N LYS A 147 16.85 17.65 -9.36
CA LYS A 147 16.10 17.03 -8.27
C LYS A 147 16.78 17.18 -6.96
N LEU A 148 15.98 17.42 -5.92
CA LEU A 148 16.48 17.35 -4.56
C LEU A 148 16.83 15.99 -4.14
N ALA A 149 18.00 15.82 -3.51
CA ALA A 149 18.46 14.53 -3.06
C ALA A 149 19.08 14.64 -1.66
N ASP A 150 19.48 13.49 -1.13
CA ASP A 150 20.03 13.33 0.20
C ASP A 150 19.13 13.93 1.29
N PHE A 151 18.14 13.15 1.62
CA PHE A 151 17.19 13.48 2.66
C PHE A 151 17.56 12.98 4.05
N GLY A 152 18.83 12.56 4.20
CA GLY A 152 19.32 12.08 5.47
C GLY A 152 19.28 13.14 6.59
N LEU A 153 19.33 14.41 6.25
CA LEU A 153 19.21 15.43 7.27
C LEU A 153 17.83 16.06 7.42
N ALA A 154 16.88 15.52 6.68
CA ALA A 154 15.54 16.03 6.66
C ALA A 154 14.78 15.73 7.93
N ARG A 155 13.68 16.45 8.13
CA ARG A 155 12.82 16.31 9.36
C ARG A 155 11.36 16.57 9.04
N ALA A 156 10.47 15.74 9.53
CA ALA A 156 9.05 16.01 9.39
C ALA A 156 8.72 17.01 10.50
N PHE A 157 8.07 18.11 10.18
CA PHE A 157 7.73 19.13 11.15
C PHE A 157 6.26 19.19 11.48
N GLY A 158 5.97 19.89 12.58
CA GLY A 158 4.62 20.14 13.03
C GLY A 158 4.35 21.64 12.93
N VAL A 159 3.10 21.98 13.06
CA VAL A 159 2.63 23.33 12.88
C VAL A 159 1.95 23.82 14.16
N PRO A 160 2.50 24.84 14.83
CA PRO A 160 3.72 25.54 14.59
C PRO A 160 4.97 24.66 14.93
N VAL A 161 6.13 25.03 14.40
CA VAL A 161 7.37 24.26 14.61
C VAL A 161 7.73 24.21 16.10
N ARG A 162 8.41 23.13 16.47
CA ARG A 162 9.02 22.96 17.81
C ARG A 162 10.54 23.25 17.59
N THR A 163 11.30 23.28 18.67
CA THR A 163 12.80 23.32 18.54
C THR A 163 13.34 21.97 17.99
N TYR A 164 14.12 22.05 16.94
CA TYR A 164 14.72 20.86 16.33
C TYR A 164 16.24 20.94 16.49
N TPO A 165 16.95 20.00 15.85
CA TPO A 165 18.40 19.92 15.98
CB TPO A 165 18.93 18.77 15.09
CG2 TPO A 165 20.44 18.63 15.24
OG1 TPO A 165 18.33 17.60 15.55
P TPO A 165 17.25 16.83 14.63
O1P TPO A 165 17.98 16.48 13.40
O2P TPO A 165 16.21 17.86 14.36
O3P TPO A 165 16.78 15.67 15.46
C TPO A 165 19.04 21.25 15.56
O TPO A 165 18.75 21.77 14.48
N HIS A 166 19.90 21.80 16.42
CA HIS A 166 20.62 23.02 16.07
C HIS A 166 21.75 22.84 15.03
N GLU A 167 22.38 21.70 14.97
CA GLU A 167 23.53 21.59 14.04
C GLU A 167 23.38 22.74 12.94
N VAL A 168 22.43 22.78 11.94
CA VAL A 168 22.05 21.87 10.79
C VAL A 168 22.39 22.77 9.58
N VAL A 169 22.38 22.23 8.38
CA VAL A 169 22.71 22.85 7.09
C VAL A 169 24.22 23.02 6.98
N THR A 170 24.79 22.61 5.87
CA THR A 170 26.21 22.84 5.65
C THR A 170 26.47 24.36 5.77
N LEU A 171 27.60 24.68 6.40
CA LEU A 171 27.86 26.02 6.86
C LEU A 171 27.59 27.13 5.82
N TRP A 172 28.19 26.99 4.64
CA TRP A 172 28.11 28.02 3.61
C TRP A 172 26.63 28.36 3.22
N TYR A 173 25.72 27.40 3.44
CA TYR A 173 24.33 27.51 3.03
C TYR A 173 23.40 27.76 4.20
N ARG A 174 23.94 28.00 5.38
CA ARG A 174 23.14 28.04 6.61
C ARG A 174 22.57 29.43 6.92
N ALA A 175 21.30 29.45 7.22
CA ALA A 175 20.56 30.68 7.43
C ALA A 175 21.03 31.43 8.69
N PRO A 176 20.89 32.75 8.68
CA PRO A 176 21.25 33.58 9.85
C PRO A 176 20.49 33.28 11.14
N GLU A 177 19.23 32.87 11.06
CA GLU A 177 18.50 32.50 12.24
C GLU A 177 19.06 31.23 12.95
N ILE A 178 19.73 30.36 12.17
CA ILE A 178 20.37 29.20 12.75
C ILE A 178 21.68 29.63 13.42
N LEU A 179 22.46 30.39 12.69
CA LEU A 179 23.72 30.87 13.16
C LEU A 179 23.55 31.73 14.43
N LEU A 180 22.44 32.45 14.53
CA LEU A 180 22.15 33.27 15.72
C LEU A 180 21.43 32.55 16.84
N GLY A 181 21.25 31.24 16.70
CA GLY A 181 20.70 30.43 17.77
C GLY A 181 19.22 30.54 18.07
N CYS A 182 18.37 30.90 17.08
CA CYS A 182 16.96 31.02 17.36
CA CYS A 182 16.93 31.03 17.35
C CYS A 182 16.40 29.71 17.87
N LYS A 183 15.49 29.81 18.82
CA LYS A 183 14.80 28.64 19.38
C LYS A 183 14.09 27.81 18.29
N TYR A 184 13.54 28.52 17.31
CA TYR A 184 12.73 27.98 16.27
C TYR A 184 13.29 28.44 14.92
N TYR A 185 13.37 27.48 14.00
CA TYR A 185 13.58 27.79 12.62
C TYR A 185 12.55 26.95 11.82
N SER A 186 12.31 27.37 10.60
CA SER A 186 11.28 26.83 9.78
C SER A 186 11.66 26.68 8.33
N THR A 187 10.62 26.68 7.48
CA THR A 187 10.79 26.53 6.06
C THR A 187 11.75 27.56 5.41
N ALA A 188 11.74 28.77 5.98
CA ALA A 188 12.64 29.80 5.53
C ALA A 188 14.12 29.34 5.44
N VAL A 189 14.52 28.36 6.27
CA VAL A 189 15.93 27.97 6.26
C VAL A 189 16.26 27.35 4.89
N ASP A 190 15.32 26.60 4.29
CA ASP A 190 15.61 26.04 3.00
C ASP A 190 15.66 27.04 1.85
N ILE A 191 14.85 28.07 1.97
CA ILE A 191 14.84 29.13 0.98
C ILE A 191 16.17 29.89 0.99
N TRP A 192 16.70 30.14 2.20
CA TRP A 192 17.98 30.82 2.33
C TRP A 192 19.04 30.00 1.55
N SER A 193 19.05 28.70 1.78
CA SER A 193 19.94 27.83 1.04
C SER A 193 19.80 27.90 -0.47
N LEU A 194 18.59 27.87 -0.99
CA LEU A 194 18.34 28.02 -2.41
C LEU A 194 18.76 29.38 -2.96
N GLY A 195 18.58 30.42 -2.16
CA GLY A 195 19.12 31.74 -2.51
C GLY A 195 20.63 31.77 -2.70
N CYS A 196 21.36 31.12 -1.80
CA CYS A 196 22.79 30.94 -1.96
C CYS A 196 23.15 30.16 -3.23
N ILE A 197 22.32 29.15 -3.52
CA ILE A 197 22.52 28.32 -4.70
C ILE A 197 22.20 29.04 -5.99
N PHE A 198 21.18 29.91 -5.95
CA PHE A 198 20.86 30.76 -7.10
C PHE A 198 22.08 31.61 -7.45
N ALA A 199 22.61 32.27 -6.45
CA ALA A 199 23.75 33.16 -6.71
C ALA A 199 24.92 32.35 -7.23
N GLU A 200 25.14 31.17 -6.68
CA GLU A 200 26.27 30.30 -7.03
C GLU A 200 26.15 29.74 -8.46
N MET A 201 24.96 29.50 -8.96
CA MET A 201 24.75 29.12 -10.36
C MET A 201 25.18 30.24 -11.28
N VAL A 202 24.98 31.48 -10.87
CA VAL A 202 25.32 32.67 -11.67
C VAL A 202 26.83 32.97 -11.68
N THR A 203 27.46 32.87 -10.54
CA THR A 203 28.88 33.17 -10.37
C THR A 203 29.80 32.00 -10.45
N ARG A 204 29.25 30.83 -10.20
CA ARG A 204 29.98 29.54 -10.02
C ARG A 204 30.91 29.53 -8.84
N ARG A 205 30.60 30.30 -7.83
CA ARG A 205 31.41 30.32 -6.60
C ARG A 205 30.45 30.59 -5.44
N ALA A 206 30.77 30.05 -4.29
CA ALA A 206 29.87 30.09 -3.18
C ALA A 206 29.71 31.56 -2.76
N LEU A 207 28.48 31.93 -2.43
CA LEU A 207 28.14 33.29 -2.06
C LEU A 207 28.75 33.68 -0.72
N PHE A 208 28.69 32.80 0.28
CA PHE A 208 29.22 33.08 1.61
C PHE A 208 30.12 31.91 2.14
N PRO A 209 31.37 31.90 1.69
CA PRO A 209 32.22 30.76 2.04
C PRO A 209 32.96 30.91 3.41
N GLY A 210 32.20 30.88 4.48
CA GLY A 210 32.79 31.13 5.79
C GLY A 210 33.62 29.94 6.26
N ASP A 211 34.50 30.15 7.19
CA ASP A 211 35.25 28.96 7.71
CA ASP A 211 35.26 28.99 7.73
C ASP A 211 34.95 28.68 9.19
N SER A 212 33.96 29.35 9.76
CA SER A 212 33.53 29.17 11.15
C SER A 212 32.18 29.83 11.20
N GLU A 213 31.39 29.57 12.23
CA GLU A 213 30.09 30.21 12.34
C GLU A 213 30.18 31.71 12.37
N ILE A 214 31.10 32.22 13.18
CA ILE A 214 31.26 33.68 13.27
C ILE A 214 31.76 34.31 11.96
N ASP A 215 32.69 33.64 11.26
CA ASP A 215 33.14 34.11 10.00
C ASP A 215 32.01 34.10 8.97
N GLN A 216 31.18 33.05 9.02
CA GLN A 216 30.05 32.93 8.17
C GLN A 216 29.04 34.07 8.38
N LEU A 217 28.76 34.36 9.64
CA LEU A 217 27.90 35.50 9.98
C LEU A 217 28.49 36.82 9.45
N PHE A 218 29.77 37.03 9.66
CA PHE A 218 30.42 38.27 9.25
C PHE A 218 30.47 38.43 7.76
N ARG A 219 30.61 37.34 7.00
CA ARG A 219 30.52 37.42 5.56
C ARG A 219 29.15 37.79 5.08
N ILE A 220 28.14 37.24 5.72
CA ILE A 220 26.74 37.57 5.39
C ILE A 220 26.48 39.07 5.67
N PHE A 221 26.86 39.50 6.88
CA PHE A 221 26.69 40.88 7.28
C PHE A 221 27.45 41.84 6.33
N ARG A 222 28.65 41.52 5.89
CA ARG A 222 29.39 42.39 4.97
C ARG A 222 28.73 42.51 3.61
N THR A 223 27.83 41.58 3.31
CA THR A 223 27.15 41.59 2.01
C THR A 223 25.80 42.21 2.07
N LEU A 224 25.09 41.90 3.11
CA LEU A 224 23.73 42.28 3.21
C LEU A 224 23.51 43.38 4.28
N GLY A 225 24.59 43.79 4.94
CA GLY A 225 24.50 44.69 6.08
C GLY A 225 24.30 43.96 7.35
N THR A 226 24.80 44.56 8.44
CA THR A 226 24.58 44.01 9.73
C THR A 226 23.13 44.34 10.09
N PRO A 227 22.32 43.28 10.33
CA PRO A 227 20.93 43.51 10.58
C PRO A 227 20.62 44.21 11.95
N ASP A 228 19.67 45.12 11.96
CA ASP A 228 19.23 45.79 13.17
C ASP A 228 17.72 45.56 13.38
N GLU A 229 17.14 46.14 14.40
CA GLU A 229 15.71 45.86 14.70
C GLU A 229 14.72 46.38 13.64
N VAL A 230 15.17 47.34 12.85
CA VAL A 230 14.39 47.85 11.75
C VAL A 230 14.33 46.83 10.67
N VAL A 231 15.48 46.27 10.27
CA VAL A 231 15.42 45.26 9.26
C VAL A 231 14.83 43.95 9.73
N TRP A 232 15.06 43.64 10.99
CA TRP A 232 14.81 42.30 11.52
C TRP A 232 14.37 42.37 12.97
N PRO A 233 13.09 42.66 13.21
CA PRO A 233 12.68 42.91 14.60
C PRO A 233 12.95 41.64 15.39
N GLY A 234 13.44 41.77 16.63
CA GLY A 234 13.86 40.56 17.37
C GLY A 234 15.37 40.25 17.30
N VAL A 235 16.11 40.70 16.29
CA VAL A 235 17.52 40.21 16.09
C VAL A 235 18.41 40.46 17.28
N THR A 236 18.29 41.64 17.89
CA THR A 236 19.26 42.06 18.91
C THR A 236 19.03 41.29 20.18
N SER A 237 18.09 40.39 20.14
CA SER A 237 17.68 39.65 21.32
C SER A 237 17.90 38.21 21.15
N MET A 238 18.34 37.83 19.96
CA MET A 238 18.61 36.43 19.72
C MET A 238 19.74 35.90 20.60
N PRO A 239 19.73 34.55 20.86
CA PRO A 239 20.76 34.00 21.79
C PRO A 239 22.24 34.27 21.46
N ASP A 240 22.61 34.27 20.20
CA ASP A 240 24.01 34.49 19.82
C ASP A 240 24.23 35.78 19.12
N TYR A 241 23.25 36.70 19.21
CA TYR A 241 23.50 38.08 18.88
C TYR A 241 24.40 38.71 19.92
N LYS A 242 25.36 39.52 19.48
CA LYS A 242 26.22 40.26 20.36
C LYS A 242 26.22 41.71 19.93
N PRO A 243 26.02 42.63 20.88
CA PRO A 243 26.03 44.06 20.57
C PRO A 243 27.36 44.53 20.02
N SER A 244 28.47 43.81 20.31
CA SER A 244 29.76 44.18 19.75
C SER A 244 29.94 43.81 18.23
N PHE A 245 29.00 43.12 17.60
CA PHE A 245 29.04 42.83 16.16
C PHE A 245 29.30 44.09 15.39
N PRO A 246 30.28 44.03 14.46
CA PRO A 246 30.55 45.22 13.66
C PRO A 246 29.23 45.56 12.89
N LYS A 247 29.08 46.84 12.55
CA LYS A 247 27.87 47.28 11.91
C LYS A 247 28.16 47.63 10.47
N TRP A 248 28.08 46.66 9.58
CA TRP A 248 28.47 46.90 8.18
C TRP A 248 27.28 47.45 7.45
N ALA A 249 27.50 48.35 6.49
CA ALA A 249 26.41 48.95 5.68
C ALA A 249 26.03 47.92 4.65
N ARG A 250 24.76 47.93 4.27
CA ARG A 250 24.25 47.07 3.26
C ARG A 250 24.79 47.60 1.94
N GLN A 251 25.27 46.68 1.11
CA GLN A 251 25.72 46.90 -0.24
C GLN A 251 24.56 47.16 -1.19
N ASP A 252 24.75 48.03 -2.15
CA ASP A 252 24.02 47.90 -3.45
C ASP A 252 23.89 46.45 -3.89
N PHE A 253 22.67 45.99 -3.92
CA PHE A 253 22.46 44.63 -4.28
C PHE A 253 22.86 44.19 -5.75
N SER A 254 22.89 45.15 -6.65
CA SER A 254 23.43 44.88 -7.96
C SER A 254 24.94 44.58 -7.90
N LYS A 255 25.56 44.88 -6.77
CA LYS A 255 26.95 44.57 -6.60
C LYS A 255 27.15 43.24 -6.00
N VAL A 256 26.11 42.62 -5.48
CA VAL A 256 26.26 41.28 -4.91
C VAL A 256 26.43 40.21 -6.02
N VAL A 257 25.62 40.35 -7.07
CA VAL A 257 25.72 39.44 -8.24
C VAL A 257 25.57 40.33 -9.46
N PRO A 258 26.68 41.01 -9.86
CA PRO A 258 26.65 41.98 -10.92
C PRO A 258 26.00 41.56 -12.24
N PRO A 259 26.22 40.35 -12.71
CA PRO A 259 25.57 39.97 -13.98
C PRO A 259 24.03 39.81 -13.92
N LEU A 260 23.44 39.76 -12.72
CA LEU A 260 22.00 39.44 -12.59
C LEU A 260 21.13 40.62 -12.98
N ASP A 261 20.11 40.33 -13.78
N ASP A 261 20.14 40.44 -13.82
CA ASP A 261 19.09 41.29 -14.25
CA ASP A 261 19.35 41.63 -14.21
C ASP A 261 18.21 41.81 -13.09
C ASP A 261 18.29 41.88 -13.10
N GLU A 262 17.41 42.84 -13.34
CA GLU A 262 16.53 43.38 -12.29
C GLU A 262 15.56 42.36 -11.61
N ASP A 263 14.99 41.48 -12.43
CA ASP A 263 14.04 40.53 -11.91
C ASP A 263 14.79 39.52 -11.05
N GLY A 264 15.90 39.03 -11.58
CA GLY A 264 16.75 38.10 -10.84
C GLY A 264 17.17 38.66 -9.50
N ARG A 265 17.59 39.92 -9.49
CA ARG A 265 18.06 40.54 -8.24
C ARG A 265 16.90 40.70 -7.29
N SER A 266 15.74 41.04 -7.83
CA SER A 266 14.57 41.15 -6.96
C SER A 266 14.29 39.79 -6.25
N LEU A 267 14.31 38.71 -7.03
CA LEU A 267 14.04 37.42 -6.42
C LEU A 267 15.09 36.97 -5.39
N LEU A 268 16.36 37.19 -5.77
CA LEU A 268 17.46 36.85 -4.87
C LEU A 268 17.32 37.64 -3.58
N SER A 269 17.01 38.95 -3.67
CA SER A 269 16.86 39.76 -2.47
C SER A 269 15.74 39.21 -1.54
N GLN A 270 14.70 38.65 -2.13
CA GLN A 270 13.63 38.14 -1.34
C GLN A 270 13.92 36.78 -0.71
N MET A 271 14.76 36.00 -1.36
CA MET A 271 15.23 34.73 -0.80
C MET A 271 16.26 34.91 0.34
N LEU A 272 16.95 36.05 0.34
CA LEU A 272 17.97 36.34 1.31
C LEU A 272 17.55 37.40 2.31
N HIS A 273 16.25 37.58 2.45
CA HIS A 273 15.74 38.52 3.47
C HIS A 273 16.19 38.00 4.82
N TYR A 274 16.67 38.90 5.70
CA TYR A 274 17.07 38.52 7.03
C TYR A 274 15.94 37.90 7.83
N ASP A 275 14.84 38.61 7.85
CA ASP A 275 13.75 38.25 8.69
C ASP A 275 13.08 37.00 8.06
N PRO A 276 13.13 35.86 8.74
CA PRO A 276 12.55 34.62 8.26
C PRO A 276 11.04 34.77 8.00
N ASN A 277 10.38 35.65 8.75
CA ASN A 277 8.99 35.95 8.49
C ASN A 277 8.75 36.63 7.16
N LYS A 278 9.67 37.46 6.67
CA LYS A 278 9.47 38.18 5.42
C LYS A 278 10.10 37.50 4.24
N ARG A 279 11.01 36.55 4.51
CA ARG A 279 11.68 35.81 3.43
C ARG A 279 10.59 35.13 2.56
N ILE A 280 10.79 35.17 1.28
CA ILE A 280 9.76 34.64 0.33
C ILE A 280 9.60 33.12 0.50
N SER A 281 8.41 32.60 0.30
CA SER A 281 8.23 31.16 0.33
C SER A 281 8.53 30.54 -1.02
N ALA A 282 8.79 29.22 -1.05
CA ALA A 282 8.97 28.57 -2.37
C ALA A 282 7.75 28.67 -3.23
N LYS A 283 6.57 28.48 -2.60
CA LYS A 283 5.32 28.63 -3.30
C LYS A 283 5.18 30.03 -3.96
N ALA A 284 5.37 31.10 -3.19
CA ALA A 284 5.28 32.48 -3.78
C ALA A 284 6.34 32.78 -4.82
N ALA A 285 7.51 32.22 -4.65
CA ALA A 285 8.62 32.45 -5.59
C ALA A 285 8.35 31.94 -7.02
N LEU A 286 7.52 30.89 -7.09
CA LEU A 286 7.20 30.32 -8.38
C LEU A 286 6.50 31.30 -9.29
N ALA A 287 5.83 32.26 -8.69
CA ALA A 287 5.14 33.30 -9.43
C ALA A 287 5.94 34.60 -9.63
N HIS A 288 7.23 34.61 -9.30
CA HIS A 288 8.04 35.79 -9.47
C HIS A 288 8.24 36.08 -10.98
N PRO A 289 8.25 37.36 -11.36
CA PRO A 289 8.47 37.75 -12.77
C PRO A 289 9.75 37.19 -13.38
N PHE A 290 10.76 36.88 -12.58
CA PHE A 290 12.01 36.20 -13.11
C PHE A 290 11.63 34.98 -13.93
N PHE A 291 10.54 34.30 -13.56
CA PHE A 291 10.20 33.08 -14.24
C PHE A 291 9.29 33.19 -15.45
N GLN A 292 8.98 34.41 -15.87
CA GLN A 292 8.00 34.63 -16.89
C GLN A 292 8.30 33.96 -18.18
N ASP A 293 9.59 33.82 -18.51
CA ASP A 293 9.93 33.17 -19.77
C ASP A 293 10.59 31.79 -19.54
N VAL A 294 10.32 31.11 -18.43
CA VAL A 294 11.09 29.91 -18.10
C VAL A 294 10.75 28.77 -19.09
N THR A 295 11.76 27.99 -19.45
CA THR A 295 11.62 26.80 -20.29
C THR A 295 12.38 25.70 -19.57
N LYS A 296 12.53 24.53 -20.18
CA LYS A 296 13.28 23.42 -19.54
C LYS A 296 14.27 22.79 -20.53
N PRO A 297 15.28 23.53 -20.95
CA PRO A 297 16.20 22.98 -21.91
C PRO A 297 17.03 21.85 -21.27
N VAL A 298 17.56 20.96 -22.09
CA VAL A 298 18.56 19.99 -21.65
C VAL A 298 19.84 20.73 -21.30
N PRO A 299 20.74 20.05 -20.54
CA PRO A 299 21.98 20.75 -20.26
C PRO A 299 22.88 20.87 -21.51
N HIS A 300 23.64 21.94 -21.53
CA HIS A 300 24.40 22.32 -22.67
C HIS A 300 25.67 21.43 -22.81
N LEU A 301 25.92 20.49 -21.87
CA LEU A 301 27.20 19.78 -21.84
C LEU A 301 26.86 18.33 -21.69
N ARG A 302 27.70 17.49 -22.25
CA ARG A 302 27.56 16.04 -22.13
C ARG A 302 27.69 15.71 -20.62
N LEU A 303 26.80 14.88 -20.09
CA LEU A 303 26.91 14.51 -18.68
C LEU A 303 27.69 13.17 -18.58
N GLY B 1 5.68 34.85 12.08
CA GLY B 1 4.65 34.24 11.28
C GLY B 1 5.26 32.92 10.75
N VAL B 2 6.52 32.87 10.25
CA VAL B 2 6.99 31.64 9.51
C VAL B 2 6.98 30.38 10.35
N ASN B 3 7.15 30.53 11.66
N ASN B 3 7.15 30.53 11.67
CA ASN B 3 7.06 29.38 12.58
CA ASN B 3 7.05 29.39 12.58
C ASN B 3 5.71 28.68 12.48
C ASN B 3 5.71 28.68 12.47
N GLU B 4 4.68 29.40 12.01
CA GLU B 4 3.35 28.83 11.84
C GLU B 4 3.07 28.51 10.39
N VAL B 5 4.10 28.59 9.54
CA VAL B 5 4.06 28.32 8.08
C VAL B 5 2.79 28.72 7.39
N PRO B 6 2.53 30.01 7.36
CA PRO B 6 1.26 30.45 6.77
C PRO B 6 1.05 30.04 5.28
N ASP B 7 2.13 29.97 4.51
CA ASP B 7 2.00 29.53 3.12
C ASP B 7 1.69 28.05 2.95
N TYR B 8 1.85 27.24 3.99
CA TYR B 8 1.69 25.78 3.91
C TYR B 8 0.77 25.11 4.86
N HIS B 9 0.30 25.85 5.86
CA HIS B 9 -0.54 25.34 6.94
CA HIS B 9 -0.45 25.20 6.94
C HIS B 9 -1.69 24.50 6.43
N GLU B 10 -2.42 25.07 5.48
CA GLU B 10 -3.63 24.45 4.91
C GLU B 10 -3.28 23.21 4.03
N ASP B 11 -2.22 23.30 3.23
CA ASP B 11 -1.75 22.13 2.48
C ASP B 11 -1.37 20.99 3.42
N ILE B 12 -0.59 21.33 4.46
CA ILE B 12 -0.23 20.34 5.47
C ILE B 12 -1.42 19.69 6.15
N HIS B 13 -2.38 20.51 6.62
CA HIS B 13 -3.55 19.99 7.23
C HIS B 13 -4.31 19.01 6.33
N THR B 14 -4.55 19.40 5.10
CA THR B 14 -5.08 18.49 4.10
C THR B 14 -4.33 17.18 3.98
N TYR B 15 -3.01 17.24 3.89
CA TYR B 15 -2.17 16.10 3.66
C TYR B 15 -2.27 15.16 4.91
N LEU B 16 -2.24 15.74 6.12
CA LEU B 16 -2.37 14.94 7.32
C LEU B 16 -3.74 14.24 7.43
N ARG B 17 -4.77 14.90 6.92
CA ARG B 17 -6.15 14.38 6.89
C ARG B 17 -6.19 13.14 5.96
N GLU B 18 -5.49 13.19 4.88
CA GLU B 18 -5.29 12.01 3.98
C GLU B 18 -4.51 10.90 4.64
N MET B 19 -3.40 11.24 5.25
CA MET B 19 -2.49 10.26 5.81
C MET B 19 -3.03 9.62 7.08
N GLU B 20 -3.81 10.31 7.90
CA GLU B 20 -4.37 9.62 9.06
C GLU B 20 -5.29 8.52 8.72
N VAL B 21 -5.98 8.58 7.62
CA VAL B 21 -6.79 7.50 7.18
C VAL B 21 -5.94 6.33 6.66
N LYS B 22 -4.85 6.58 6.01
CA LYS B 22 -3.97 5.48 5.55
C LYS B 22 -3.16 4.84 6.72
N CYS B 23 -2.85 5.56 7.79
CA CYS B 23 -2.05 5.08 8.90
C CYS B 23 -2.94 4.62 10.06
N LYS B 24 -4.23 4.54 9.83
CA LYS B 24 -5.20 4.15 10.87
C LYS B 24 -5.05 2.68 11.19
N PRO B 25 -4.83 2.31 12.44
CA PRO B 25 -4.90 0.92 12.83
C PRO B 25 -6.28 0.32 12.59
N LYS B 26 -6.36 -0.98 12.44
CA LYS B 26 -7.59 -1.72 12.29
C LYS B 26 -8.37 -1.75 13.59
N VAL B 27 -9.60 -1.24 13.49
CA VAL B 27 -10.45 -0.92 14.68
C VAL B 27 -10.76 -2.16 15.52
N GLY B 28 -10.98 -3.30 14.90
CA GLY B 28 -11.31 -4.47 15.68
C GLY B 28 -10.19 -5.49 15.92
N TYR B 29 -8.92 -5.09 15.85
CA TYR B 29 -7.79 -6.03 15.98
C TYR B 29 -7.66 -6.81 17.25
N MET B 30 -8.08 -6.23 18.36
CA MET B 30 -7.87 -6.90 19.66
C MET B 30 -8.68 -8.17 19.78
N LYS B 31 -9.85 -8.19 19.13
CA LYS B 31 -10.69 -9.37 19.08
C LYS B 31 -9.98 -10.50 18.35
N LYS B 32 -9.09 -10.16 17.40
CA LYS B 32 -8.41 -11.22 16.62
C LYS B 32 -7.02 -11.56 17.16
N GLN B 33 -6.68 -10.91 18.34
CA GLN B 33 -5.47 -11.24 19.09
C GLN B 33 -5.81 -12.31 20.14
N PRO B 34 -5.35 -13.56 19.98
CA PRO B 34 -5.82 -14.57 20.93
C PRO B 34 -5.27 -14.42 22.36
N ASP B 35 -4.09 -13.80 22.54
CA ASP B 35 -3.45 -13.79 23.85
C ASP B 35 -3.41 -12.43 24.52
N ILE B 36 -3.73 -11.40 23.83
CA ILE B 36 -3.64 -10.10 24.42
C ILE B 36 -4.95 -9.37 24.40
N THR B 37 -5.09 -8.43 25.34
CA THR B 37 -6.36 -7.74 25.58
C THR B 37 -6.18 -6.25 25.62
N ASN B 38 -7.32 -5.55 25.56
CA ASN B 38 -7.31 -4.09 25.72
C ASN B 38 -6.65 -3.71 27.04
N SER B 39 -6.86 -4.49 28.09
CA SER B 39 -6.26 -4.23 29.38
C SER B 39 -4.75 -4.30 29.35
N MET B 40 -4.22 -5.35 28.74
CA MET B 40 -2.79 -5.42 28.59
C MET B 40 -2.16 -4.30 27.77
N ARG B 41 -2.90 -3.87 26.75
CA ARG B 41 -2.43 -2.76 25.95
C ARG B 41 -2.39 -1.49 26.81
N ALA B 42 -3.40 -1.30 27.62
CA ALA B 42 -3.50 -0.12 28.52
C ALA B 42 -2.33 -0.11 29.47
N ILE B 43 -1.96 -1.26 30.02
CA ILE B 43 -0.77 -1.38 30.85
C ILE B 43 0.51 -0.94 30.09
N LEU B 44 0.58 -1.44 28.83
CA LEU B 44 1.76 -1.15 28.05
C LEU B 44 1.90 0.36 27.73
N VAL B 45 0.80 0.95 27.28
CA VAL B 45 0.77 2.34 26.94
C VAL B 45 1.09 3.25 28.15
N ASP B 46 0.54 2.87 29.31
CA ASP B 46 0.79 3.57 30.59
C ASP B 46 2.26 3.50 30.97
N TRP B 47 2.85 2.33 30.76
CA TRP B 47 4.31 2.18 30.97
C TRP B 47 5.14 3.05 30.03
N LEU B 48 4.73 3.15 28.75
CA LEU B 48 5.41 4.06 27.77
C LEU B 48 5.30 5.52 28.20
N VAL B 49 4.17 5.90 28.79
CA VAL B 49 4.07 7.23 29.33
C VAL B 49 5.14 7.43 30.42
N GLU B 50 5.29 6.49 31.35
CA GLU B 50 6.38 6.54 32.31
C GLU B 50 7.77 6.59 31.70
N VAL B 51 8.04 5.76 30.69
CA VAL B 51 9.29 5.82 29.96
C VAL B 51 9.56 7.16 29.39
N GLY B 52 8.57 7.75 28.72
CA GLY B 52 8.75 9.09 28.14
C GLY B 52 9.01 10.13 29.19
N GLU B 53 8.40 9.98 30.37
CA GLU B 53 8.78 10.89 31.48
C GLU B 53 10.14 10.66 32.05
N GLU B 54 10.53 9.39 32.24
CA GLU B 54 11.84 9.08 32.74
C GLU B 54 12.93 9.68 31.81
N TYR B 55 12.77 9.54 30.51
CA TYR B 55 13.75 10.07 29.53
C TYR B 55 13.52 11.43 28.95
N LYS B 56 12.50 12.11 29.47
CA LYS B 56 12.05 13.39 29.05
C LYS B 56 11.94 13.47 27.48
N LEU B 57 11.19 12.49 26.96
CA LEU B 57 10.89 12.44 25.53
C LEU B 57 9.74 13.39 25.22
N GLN B 58 9.66 13.81 23.99
CA GLN B 58 8.51 14.59 23.54
C GLN B 58 7.21 13.79 23.62
N ASN B 59 6.10 14.48 23.85
CA ASN B 59 4.81 13.83 23.74
C ASN B 59 4.55 13.25 22.32
N GLU B 60 5.09 13.90 21.32
CA GLU B 60 4.87 13.47 19.94
C GLU B 60 5.46 12.06 19.80
N THR B 61 6.61 11.82 20.37
CA THR B 61 7.24 10.55 20.35
C THR B 61 6.35 9.40 20.91
N LEU B 62 5.74 9.66 22.06
CA LEU B 62 4.76 8.78 22.64
C LEU B 62 3.60 8.46 21.70
N HIS B 63 3.01 9.49 21.12
CA HIS B 63 1.91 9.31 20.17
C HIS B 63 2.33 8.48 18.96
N LEU B 64 3.53 8.70 18.47
CA LEU B 64 4.04 7.93 17.33
C LEU B 64 4.21 6.47 17.75
N ALA B 65 4.77 6.20 18.93
CA ALA B 65 5.00 4.84 19.38
C ALA B 65 3.70 4.07 19.41
N VAL B 66 2.66 4.68 19.97
CA VAL B 66 1.36 4.02 20.11
C VAL B 66 0.79 3.71 18.71
N ASN B 67 0.96 4.63 17.76
CA ASN B 67 0.49 4.42 16.41
C ASN B 67 1.22 3.22 15.82
N TYR B 68 2.52 3.15 16.04
CA TYR B 68 3.32 2.03 15.53
C TYR B 68 2.83 0.68 16.09
N ILE B 69 2.62 0.64 17.37
CA ILE B 69 2.17 -0.53 18.11
C ILE B 69 0.81 -0.98 17.60
N ASP B 70 -0.12 -0.04 17.48
CA ASP B 70 -1.47 -0.42 17.03
C ASP B 70 -1.49 -0.94 15.57
N ARG B 71 -0.67 -0.34 14.68
CA ARG B 71 -0.54 -0.82 13.34
C ARG B 71 0.13 -2.18 13.27
N PHE B 72 1.14 -2.39 14.08
CA PHE B 72 1.83 -3.69 14.16
C PHE B 72 0.89 -4.81 14.62
N LEU B 73 0.17 -4.52 15.70
CA LEU B 73 -0.76 -5.45 16.22
C LEU B 73 -2.01 -5.65 15.31
N SER B 74 -2.23 -4.73 14.39
CA SER B 74 -3.32 -4.93 13.46
C SER B 74 -3.00 -6.11 12.48
N SER B 75 -1.72 -6.44 12.31
CA SER B 75 -1.40 -7.57 11.41
C SER B 75 -0.62 -8.73 11.98
N MET B 76 -0.06 -8.54 13.15
CA MET B 76 0.82 -9.51 13.76
C MET B 76 0.26 -9.97 15.09
N SER B 77 -0.01 -11.26 15.25
CA SER B 77 -0.36 -11.84 16.54
C SER B 77 0.87 -11.88 17.43
N VAL B 78 0.67 -11.41 18.66
CA VAL B 78 1.73 -11.33 19.66
C VAL B 78 1.36 -11.98 21.00
N LEU B 79 2.24 -12.82 21.55
CA LEU B 79 1.98 -13.43 22.83
C LEU B 79 2.23 -12.36 23.92
N ARG B 80 1.54 -12.51 25.04
CA ARG B 80 1.58 -11.44 26.06
C ARG B 80 3.00 -11.15 26.59
N GLY B 81 3.84 -12.17 26.69
CA GLY B 81 5.19 -12.06 27.13
C GLY B 81 6.11 -11.30 26.16
N LYS B 82 5.60 -11.07 24.95
CA LYS B 82 6.38 -10.33 23.94
C LYS B 82 5.79 -8.97 23.61
N LEU B 83 4.66 -8.66 24.25
CA LEU B 83 3.97 -7.41 23.94
C LEU B 83 4.88 -6.17 24.31
N GLN B 84 5.57 -6.33 25.43
CA GLN B 84 6.48 -5.30 25.87
C GLN B 84 7.69 -5.13 24.93
N LEU B 85 8.13 -6.18 24.30
CA LEU B 85 9.16 -6.05 23.32
C LEU B 85 8.76 -5.21 22.12
N VAL B 86 7.56 -5.48 21.66
CA VAL B 86 6.96 -4.71 20.57
C VAL B 86 6.97 -3.25 20.97
N GLY B 87 6.48 -3.02 22.16
CA GLY B 87 6.35 -1.64 22.70
C GLY B 87 7.69 -0.95 22.83
N THR B 88 8.69 -1.68 23.33
CA THR B 88 10.00 -1.13 23.46
C THR B 88 10.61 -0.74 22.14
N ALA B 89 10.50 -1.64 21.16
CA ALA B 89 10.96 -1.35 19.80
C ALA B 89 10.24 -0.20 19.12
N ALA B 90 8.95 -0.11 19.35
CA ALA B 90 8.19 1.02 18.80
C ALA B 90 8.69 2.36 19.38
N MET B 91 8.93 2.34 20.68
CA MET B 91 9.38 3.58 21.36
C MET B 91 10.78 3.96 20.87
N LEU B 92 11.65 2.97 20.64
CA LEU B 92 12.97 3.17 20.07
C LEU B 92 12.91 3.83 18.68
N LEU B 93 12.07 3.25 17.81
CA LEU B 93 11.82 3.83 16.49
C LEU B 93 11.25 5.25 16.55
N ALA B 94 10.24 5.45 17.41
CA ALA B 94 9.65 6.76 17.52
C ALA B 94 10.74 7.79 17.95
N SER B 95 11.58 7.41 18.91
CA SER B 95 12.64 8.28 19.41
C SER B 95 13.62 8.60 18.31
N LYS B 96 14.04 7.60 17.55
CA LYS B 96 14.95 7.86 16.43
C LYS B 96 14.32 8.79 15.42
N PHE B 97 13.04 8.59 15.11
CA PHE B 97 12.35 9.45 14.18
C PHE B 97 12.29 10.94 14.65
N GLU B 98 11.81 11.08 15.86
CA GLU B 98 11.31 12.36 16.40
C GLU B 98 12.24 13.15 17.32
N GLU B 99 13.10 12.48 18.12
CA GLU B 99 13.96 13.17 19.05
C GLU B 99 15.26 13.70 18.50
N ILE B 100 15.74 14.80 19.05
CA ILE B 100 17.04 15.37 18.74
C ILE B 100 18.05 14.41 19.32
N TYR B 101 17.84 14.00 20.57
CA TYR B 101 18.78 13.11 21.27
C TYR B 101 18.10 11.87 21.77
N PRO B 102 17.84 10.91 20.87
CA PRO B 102 17.14 9.71 21.41
C PRO B 102 17.98 8.98 22.46
N PRO B 103 17.31 8.32 23.43
CA PRO B 103 18.11 7.45 24.35
C PRO B 103 18.79 6.36 23.55
N GLU B 104 19.88 5.85 24.07
CA GLU B 104 20.59 4.77 23.43
C GLU B 104 19.84 3.46 23.64
N VAL B 105 20.15 2.50 22.77
CA VAL B 105 19.50 1.17 22.81
C VAL B 105 19.64 0.55 24.20
N ALA B 106 20.77 0.74 24.85
CA ALA B 106 20.99 0.17 26.10
C ALA B 106 20.00 0.68 27.15
N GLU B 107 19.58 1.96 27.03
CA GLU B 107 18.62 2.53 27.92
C GLU B 107 17.28 1.89 27.71
N PHE B 108 16.93 1.57 26.47
CA PHE B 108 15.75 0.80 26.23
C PHE B 108 15.83 -0.66 26.75
N VAL B 109 16.98 -1.27 26.77
CA VAL B 109 17.06 -2.64 27.29
C VAL B 109 16.92 -2.55 28.80
N TYR B 110 17.67 -1.61 29.40
CA TYR B 110 17.59 -1.33 30.84
C TYR B 110 16.12 -1.10 31.34
N ILE B 111 15.37 -0.29 30.63
CA ILE B 111 14.00 0.03 31.11
C ILE B 111 13.05 -1.18 31.06
N THR B 112 13.35 -2.23 30.33
CA THR B 112 12.53 -3.43 30.39
C THR B 112 13.05 -4.36 31.53
N ASP B 113 13.83 -3.78 32.44
CA ASP B 113 14.43 -4.47 33.60
CA ASP B 113 14.43 -4.46 33.56
C ASP B 113 15.00 -5.80 33.10
N ASP B 114 15.80 -5.77 32.03
CA ASP B 114 16.36 -6.95 31.41
C ASP B 114 15.39 -8.14 31.14
N THR B 115 14.11 -7.85 30.92
CA THR B 115 13.18 -8.86 30.43
C THR B 115 13.67 -9.38 29.08
N TYR B 116 14.30 -8.51 28.29
CA TYR B 116 14.73 -8.86 26.95
C TYR B 116 16.18 -8.50 26.74
N THR B 117 16.82 -9.10 25.76
CA THR B 117 18.18 -8.78 25.42
C THR B 117 18.26 -7.69 24.35
N LYS B 118 19.47 -7.13 24.24
CA LYS B 118 19.68 -6.11 23.25
C LYS B 118 19.47 -6.66 21.83
N LYS B 119 19.88 -7.89 21.60
CA LYS B 119 19.69 -8.52 20.32
C LYS B 119 18.19 -8.61 19.99
N GLN B 120 17.40 -8.96 21.00
CA GLN B 120 15.96 -9.11 20.78
C GLN B 120 15.33 -7.73 20.46
N VAL B 121 15.80 -6.67 21.11
CA VAL B 121 15.28 -5.37 20.89
C VAL B 121 15.58 -4.93 19.44
N LEU B 122 16.79 -5.19 19.01
CA LEU B 122 17.24 -4.74 17.72
C LEU B 122 16.57 -5.58 16.55
N ARG B 123 16.36 -6.86 16.79
CA ARG B 123 15.63 -7.74 15.88
C ARG B 123 14.17 -7.31 15.76
N MET B 124 13.54 -6.99 16.89
CA MET B 124 12.19 -6.43 16.87
C MET B 124 12.12 -5.11 16.16
N GLU B 125 13.11 -4.22 16.35
CA GLU B 125 13.13 -3.01 15.63
C GLU B 125 12.99 -3.24 14.12
N HIS B 126 13.84 -4.15 13.64
CA HIS B 126 13.86 -4.50 12.25
C HIS B 126 12.54 -5.12 11.78
N LEU B 127 11.94 -6.00 12.58
CA LEU B 127 10.64 -6.54 12.25
C LEU B 127 9.54 -5.47 12.16
N VAL B 128 9.50 -4.58 13.18
CA VAL B 128 8.53 -3.49 13.13
C VAL B 128 8.68 -2.65 11.85
N LEU B 129 9.89 -2.28 11.50
CA LEU B 129 10.14 -1.55 10.25
C LEU B 129 9.65 -2.29 8.98
N LYS B 130 9.86 -3.60 8.95
CA LYS B 130 9.36 -4.41 7.86
CA LYS B 130 9.36 -4.42 7.85
C LYS B 130 7.83 -4.39 7.80
N VAL B 131 7.21 -4.63 8.94
CA VAL B 131 5.80 -4.75 9.00
C VAL B 131 5.13 -3.39 8.64
N LEU B 132 5.71 -2.28 9.09
CA LEU B 132 5.19 -0.98 8.79
C LEU B 132 5.70 -0.43 7.46
N THR B 133 6.59 -1.17 6.82
CA THR B 133 7.23 -0.78 5.54
C THR B 133 7.92 0.58 5.60
N PHE B 134 8.56 0.86 6.75
CA PHE B 134 9.24 2.09 7.04
C PHE B 134 8.32 3.31 6.97
N ASP B 135 6.99 3.10 7.08
CA ASP B 135 6.03 4.18 6.97
C ASP B 135 5.78 4.79 8.37
N LEU B 136 6.72 5.60 8.79
CA LEU B 136 6.80 6.06 10.14
C LEU B 136 6.33 7.47 10.42
N ALA B 137 6.18 8.29 9.38
CA ALA B 137 5.76 9.69 9.52
C ALA B 137 4.21 9.79 9.61
N ALA B 138 3.67 9.25 10.67
CA ALA B 138 2.23 9.12 10.84
C ALA B 138 1.73 10.39 11.57
N PRO B 139 0.54 10.86 11.17
CA PRO B 139 -0.12 11.93 11.88
C PRO B 139 -0.59 11.51 13.24
N THR B 140 -0.53 12.41 14.20
CA THR B 140 -0.86 12.15 15.54
C THR B 140 -1.92 13.20 16.03
N ILE B 141 -2.57 12.86 17.10
CA ILE B 141 -3.48 13.81 17.80
C ILE B 141 -2.76 15.13 18.00
N ASN B 142 -1.50 15.06 18.43
CA ASN B 142 -0.72 16.21 18.69
C ASN B 142 -0.49 17.11 17.52
N GLN B 143 -0.30 16.55 16.33
CA GLN B 143 -0.03 17.37 15.14
C GLN B 143 -1.28 18.15 14.77
N PHE B 144 -2.47 17.61 15.08
CA PHE B 144 -3.69 18.37 14.83
C PHE B 144 -3.96 19.42 15.95
N LEU B 145 -3.72 19.06 17.21
CA LEU B 145 -3.93 19.99 18.29
C LEU B 145 -3.16 21.25 18.16
N THR B 146 -1.88 21.15 17.82
CA THR B 146 -1.07 22.33 17.73
C THR B 146 -1.54 23.27 16.66
N GLN B 147 -2.06 22.72 15.55
CA GLN B 147 -2.74 23.59 14.60
C GLN B 147 -4.02 24.19 15.15
N TYR B 148 -4.80 23.37 15.88
CA TYR B 148 -6.06 23.87 16.40
C TYR B 148 -5.81 25.03 17.39
N PHE B 149 -4.72 24.93 18.12
CA PHE B 149 -4.37 25.91 19.13
C PHE B 149 -4.19 27.31 18.55
N LEU B 150 -3.86 27.37 17.29
CA LEU B 150 -3.70 28.66 16.66
C LEU B 150 -5.02 29.46 16.50
N HIS B 151 -6.15 28.80 16.68
CA HIS B 151 -7.45 29.45 16.61
C HIS B 151 -7.93 30.00 17.93
N GLN B 152 -7.18 29.87 19.00
CA GLN B 152 -7.67 30.42 20.29
C GLN B 152 -7.61 31.92 20.33
N GLN B 153 -8.54 32.54 21.06
CA GLN B 153 -8.52 34.00 21.17
C GLN B 153 -8.65 34.44 22.61
N PRO B 154 -7.54 34.77 23.36
CA PRO B 154 -6.14 34.63 23.02
C PRO B 154 -5.72 33.21 23.41
N ALA B 155 -4.46 32.88 23.16
CA ALA B 155 -3.93 31.56 23.52
C ALA B 155 -3.98 31.42 25.00
N ASN B 156 -4.31 30.23 25.48
CA ASN B 156 -4.43 30.00 26.93
C ASN B 156 -3.68 28.73 27.24
N CYS B 157 -2.68 28.77 28.12
CA CYS B 157 -1.80 27.62 28.37
C CYS B 157 -2.49 26.49 29.07
N LYS B 158 -3.44 26.79 29.93
CA LYS B 158 -4.21 25.73 30.60
C LYS B 158 -5.00 24.99 29.55
N VAL B 159 -5.61 25.72 28.61
CA VAL B 159 -6.39 25.10 27.53
C VAL B 159 -5.54 24.10 26.70
N GLU B 160 -4.38 24.58 26.32
CA GLU B 160 -3.42 23.76 25.53
C GLU B 160 -3.01 22.52 26.26
N SER B 161 -2.58 22.68 27.54
CA SER B 161 -2.15 21.54 28.31
C SER B 161 -3.29 20.56 28.57
N LEU B 162 -4.49 21.09 28.80
CA LEU B 162 -5.60 20.18 29.11
C LEU B 162 -6.01 19.38 27.90
N ALA B 163 -5.93 20.03 26.76
CA ALA B 163 -6.23 19.36 25.55
C ALA B 163 -5.24 18.20 25.27
N MET B 164 -3.95 18.48 25.50
CA MET B 164 -2.90 17.45 25.41
C MET B 164 -3.13 16.27 26.35
N PHE B 165 -3.46 16.59 27.59
CA PHE B 165 -3.83 15.62 28.61
C PHE B 165 -4.97 14.69 28.18
N LEU B 166 -6.02 15.29 27.63
CA LEU B 166 -7.17 14.53 27.20
C LEU B 166 -6.85 13.63 26.05
N GLY B 167 -6.08 14.14 25.10
CA GLY B 167 -5.66 13.34 23.92
C GLY B 167 -4.80 12.16 24.37
N GLU B 168 -3.95 12.46 25.34
CA GLU B 168 -3.05 11.42 25.84
C GLU B 168 -3.89 10.33 26.58
N LEU B 169 -4.88 10.73 27.36
CA LEU B 169 -5.70 9.69 28.03
C LEU B 169 -6.31 8.77 26.98
N SER B 170 -6.63 9.27 25.78
CA SER B 170 -7.28 8.46 24.82
C SER B 170 -6.39 7.34 24.24
N LEU B 171 -5.08 7.55 24.34
CA LEU B 171 -4.13 6.56 23.89
C LEU B 171 -4.23 5.22 24.66
N ILE B 172 -4.66 5.33 25.91
CA ILE B 172 -4.71 4.23 26.85
C ILE B 172 -5.79 3.19 26.51
N ASP B 173 -6.94 3.65 26.07
CA ASP B 173 -8.13 2.80 25.93
C ASP B 173 -8.52 2.54 24.49
N ALA B 174 -8.07 1.42 23.97
CA ALA B 174 -8.35 1.01 22.55
C ALA B 174 -9.83 0.95 22.27
N ASP B 175 -10.56 0.51 23.29
CA ASP B 175 -12.02 0.57 23.30
C ASP B 175 -12.31 1.76 24.23
N PRO B 176 -12.84 2.89 23.72
CA PRO B 176 -13.38 3.12 22.38
C PRO B 176 -12.43 3.79 21.35
N TYR B 177 -11.23 4.26 21.70
CA TYR B 177 -10.61 5.31 20.92
C TYR B 177 -10.00 4.89 19.58
N LEU B 178 -9.74 3.60 19.39
CA LEU B 178 -9.37 3.08 18.10
C LEU B 178 -10.41 3.38 16.99
N LYS B 179 -11.67 3.57 17.33
CA LYS B 179 -12.63 3.90 16.27
C LYS B 179 -12.54 5.35 15.78
N TYR B 180 -11.78 6.20 16.48
CA TYR B 180 -11.73 7.57 16.11
C TYR B 180 -10.35 8.01 15.58
N LEU B 181 -10.39 8.85 14.57
CA LEU B 181 -9.15 9.34 13.90
C LEU B 181 -8.50 10.41 14.77
N PRO B 182 -7.19 10.61 14.68
CA PRO B 182 -6.49 11.59 15.43
C PRO B 182 -7.07 12.95 15.32
N SER B 183 -7.48 13.40 14.12
CA SER B 183 -8.03 14.74 13.95
C SER B 183 -9.34 14.99 14.77
N VAL B 184 -10.15 13.94 14.90
CA VAL B 184 -11.37 13.90 15.59
C VAL B 184 -11.18 13.84 17.08
N ILE B 185 -10.31 12.99 17.59
CA ILE B 185 -9.96 13.03 18.98
C ILE B 185 -9.39 14.40 19.41
N ALA B 186 -8.52 14.96 18.56
CA ALA B 186 -7.96 16.24 18.83
C ALA B 186 -9.01 17.33 18.90
N ALA B 187 -9.95 17.31 18.00
CA ALA B 187 -11.03 18.29 17.99
C ALA B 187 -11.83 18.14 19.23
N ALA B 188 -12.16 16.92 19.61
CA ALA B 188 -12.98 16.68 20.80
C ALA B 188 -12.21 17.19 22.05
N ALA B 189 -10.94 16.86 22.12
CA ALA B 189 -10.10 17.31 23.25
C ALA B 189 -9.95 18.83 23.35
N PHE B 190 -9.84 19.50 22.20
CA PHE B 190 -9.70 20.93 22.17
C PHE B 190 -10.99 21.59 22.63
N HIS B 191 -12.13 21.10 22.13
CA HIS B 191 -13.40 21.66 22.55
C HIS B 191 -13.60 21.40 24.08
N LEU B 192 -13.34 20.20 24.51
CA LEU B 192 -13.58 19.87 25.90
C LEU B 192 -12.66 20.65 26.87
N ALA B 193 -11.41 20.87 26.46
CA ALA B 193 -10.47 21.70 27.21
C ALA B 193 -10.91 23.16 27.23
N LEU B 194 -11.24 23.67 26.03
CA LEU B 194 -11.68 25.04 25.92
C LEU B 194 -12.90 25.28 26.81
N TYR B 195 -13.85 24.36 26.79
CA TYR B 195 -15.07 24.47 27.58
C TYR B 195 -14.79 24.41 29.08
N THR B 196 -13.95 23.47 29.52
CA THR B 196 -13.64 23.26 30.90
C THR B 196 -13.02 24.50 31.52
N VAL B 197 -12.08 25.10 30.82
CA VAL B 197 -11.32 26.22 31.31
C VAL B 197 -12.05 27.56 31.12
N THR B 198 -12.52 27.83 29.91
CA THR B 198 -13.06 29.15 29.62
C THR B 198 -14.56 29.26 29.39
N GLY B 199 -15.25 28.14 29.32
CA GLY B 199 -16.67 28.20 28.99
C GLY B 199 -16.97 28.24 27.50
N GLN B 200 -15.94 28.46 26.69
CA GLN B 200 -16.09 28.59 25.23
C GLN B 200 -16.24 27.28 24.47
N SER B 201 -16.64 27.37 23.21
CA SER B 201 -16.78 26.19 22.30
C SER B 201 -16.03 26.19 21.02
N TRP B 202 -15.87 25.00 20.46
CA TRP B 202 -15.32 24.77 19.14
C TRP B 202 -15.66 25.96 18.24
N PRO B 203 -14.68 26.76 17.89
CA PRO B 203 -14.94 27.98 17.13
C PRO B 203 -15.31 27.71 15.69
N GLU B 204 -16.03 28.67 15.14
CA GLU B 204 -16.46 28.74 13.73
C GLU B 204 -15.23 28.64 12.85
N SER B 205 -14.13 29.25 13.24
CA SER B 205 -12.91 29.20 12.40
C SER B 205 -12.38 27.75 12.19
N LEU B 206 -12.56 26.87 13.19
CA LEU B 206 -12.14 25.51 13.11
C LEU B 206 -13.21 24.67 12.37
N VAL B 207 -14.44 25.12 12.41
CA VAL B 207 -15.42 24.51 11.50
C VAL B 207 -14.97 24.74 10.06
N GLN B 208 -14.54 25.96 9.74
CA GLN B 208 -14.03 26.32 8.42
C GLN B 208 -12.82 25.49 8.03
N LYS B 209 -11.88 25.32 8.95
CA LYS B 209 -10.66 24.57 8.69
C LYS B 209 -10.94 23.06 8.56
N THR B 210 -11.67 22.47 9.47
CA THR B 210 -11.77 21.05 9.50
C THR B 210 -12.97 20.42 8.88
N GLY B 211 -14.00 21.20 8.73
CA GLY B 211 -15.27 20.65 8.32
C GLY B 211 -16.06 20.00 9.47
N TYR B 212 -15.46 19.96 10.66
CA TYR B 212 -16.12 19.31 11.79
C TYR B 212 -17.01 20.29 12.57
N THR B 213 -18.15 19.80 13.07
CA THR B 213 -18.97 20.58 13.95
C THR B 213 -19.16 19.82 15.24
N LEU B 214 -19.73 20.49 16.21
CA LEU B 214 -20.03 19.82 17.46
C LEU B 214 -20.96 18.64 17.19
N GLU B 215 -21.80 18.69 16.17
CA GLU B 215 -22.68 17.56 15.85
CA GLU B 215 -22.65 17.54 15.80
C GLU B 215 -21.81 16.35 15.40
N THR B 216 -20.81 16.58 14.59
CA THR B 216 -20.02 15.47 14.09
C THR B 216 -19.03 15.00 15.15
N LEU B 217 -18.67 15.90 16.05
CA LEU B 217 -17.79 15.55 17.14
C LEU B 217 -18.52 14.90 18.32
N LYS B 218 -19.83 14.94 18.34
CA LYS B 218 -20.61 14.42 19.47
C LYS B 218 -20.19 13.04 20.02
N PRO B 219 -20.18 12.02 19.17
CA PRO B 219 -19.85 10.71 19.72
C PRO B 219 -18.49 10.64 20.42
N CYS B 220 -17.44 11.20 19.81
CA CYS B 220 -16.13 11.21 20.43
C CYS B 220 -16.13 12.04 21.75
N LEU B 221 -16.78 13.17 21.66
CA LEU B 221 -16.90 14.06 22.81
C LEU B 221 -17.56 13.39 24.04
N LEU B 222 -18.67 12.72 23.84
CA LEU B 222 -19.34 11.91 24.86
C LEU B 222 -18.42 10.86 25.46
N ASP B 223 -17.68 10.19 24.65
CA ASP B 223 -16.71 9.19 25.17
C ASP B 223 -15.61 9.91 25.97
N LEU B 224 -15.02 10.98 25.41
CA LEU B 224 -13.95 11.68 26.05
C LEU B 224 -14.34 12.32 27.38
N HIS B 225 -15.56 12.82 27.45
CA HIS B 225 -16.07 13.41 28.65
C HIS B 225 -16.16 12.34 29.75
N GLN B 226 -16.62 11.14 29.43
CA GLN B 226 -16.68 10.02 30.35
C GLN B 226 -15.32 9.63 30.77
N THR B 227 -14.41 9.48 29.81
CA THR B 227 -13.04 9.20 30.14
C THR B 227 -12.50 10.26 31.13
N TYR B 228 -12.77 11.52 30.86
CA TYR B 228 -12.30 12.58 31.74
C TYR B 228 -12.85 12.47 33.13
N LEU B 229 -14.18 12.28 33.24
CA LEU B 229 -14.85 12.10 34.50
C LEU B 229 -14.35 10.91 35.28
N ARG B 230 -14.01 9.79 34.59
CA ARG B 230 -13.58 8.59 35.32
C ARG B 230 -12.09 8.51 35.52
N ALA B 231 -11.35 9.48 35.02
CA ALA B 231 -9.89 9.36 35.07
C ALA B 231 -9.20 9.10 36.47
N PRO B 232 -9.72 9.73 37.56
CA PRO B 232 -9.17 9.40 38.85
C PRO B 232 -9.37 7.95 39.26
N GLN B 233 -10.30 7.25 38.64
CA GLN B 233 -10.53 5.89 39.05
C GLN B 233 -10.03 4.84 38.06
N HIS B 234 -9.48 5.24 36.93
CA HIS B 234 -8.94 4.29 35.95
C HIS B 234 -7.76 3.55 36.57
N ALA B 235 -7.59 2.28 36.23
CA ALA B 235 -6.44 1.52 36.72
C ALA B 235 -5.10 2.13 36.35
N GLN B 236 -5.02 2.77 35.20
CA GLN B 236 -3.80 3.42 34.76
C GLN B 236 -3.79 4.87 35.09
N GLN B 237 -2.70 5.34 35.72
CA GLN B 237 -2.64 6.65 36.37
C GLN B 237 -1.38 7.47 36.03
N SER B 238 -0.50 6.95 35.15
CA SER B 238 0.74 7.69 34.84
C SER B 238 0.52 9.06 34.14
N ILE B 239 -0.50 9.13 33.30
CA ILE B 239 -0.81 10.36 32.56
C ILE B 239 -1.30 11.44 33.59
N ARG B 240 -2.23 11.08 34.46
CA ARG B 240 -2.63 11.97 35.52
C ARG B 240 -1.44 12.49 36.34
N GLU B 241 -0.59 11.56 36.72
CA GLU B 241 0.56 11.96 37.49
C GLU B 241 1.46 12.95 36.76
N LYS B 242 1.74 12.63 35.51
CA LYS B 242 2.54 13.44 34.63
C LYS B 242 2.03 14.85 34.52
N TYR B 243 0.71 14.97 34.32
CA TYR B 243 0.05 16.24 34.04
C TYR B 243 -0.26 17.06 35.35
N LYS B 244 0.20 16.60 36.51
CA LYS B 244 0.26 17.40 37.69
C LYS B 244 1.45 18.31 37.68
N ASN B 245 2.46 18.03 36.90
CA ASN B 245 3.67 18.85 36.83
C ASN B 245 3.44 20.23 36.29
N SER B 246 4.19 21.24 36.75
CA SER B 246 4.05 22.62 36.29
C SER B 246 4.36 22.74 34.81
N LYS B 247 5.21 21.87 34.30
CA LYS B 247 5.51 21.86 32.86
C LYS B 247 4.21 21.79 32.02
N TYR B 248 3.20 21.10 32.57
CA TYR B 248 1.88 21.01 31.93
C TYR B 248 0.78 21.76 32.71
N HIS B 249 1.23 22.77 33.40
CA HIS B 249 0.33 23.66 34.14
C HIS B 249 -0.58 23.01 35.16
N GLY B 250 -0.22 21.83 35.66
CA GLY B 250 -1.07 21.15 36.67
C GLY B 250 -2.45 20.83 36.19
N VAL B 251 -2.66 20.68 34.87
CA VAL B 251 -4.01 20.54 34.39
C VAL B 251 -4.81 19.35 34.88
N SER B 252 -4.13 18.31 35.24
CA SER B 252 -4.81 17.10 35.73
C SER B 252 -5.51 17.36 37.05
N LEU B 253 -5.26 18.51 37.68
CA LEU B 253 -5.87 18.89 38.92
C LEU B 253 -7.19 19.67 38.71
N LEU B 254 -7.40 20.12 37.50
CA LEU B 254 -8.67 20.81 37.15
C LEU B 254 -9.85 19.87 37.28
N ASN B 255 -10.98 20.36 37.69
CA ASN B 255 -12.20 19.54 37.74
C ASN B 255 -12.88 19.45 36.42
N PRO B 256 -13.21 18.22 35.99
CA PRO B 256 -13.96 18.14 34.75
C PRO B 256 -15.35 18.85 34.89
N PRO B 257 -15.91 19.35 33.79
CA PRO B 257 -17.30 19.79 33.88
C PRO B 257 -18.27 18.59 34.12
N GLU B 258 -19.32 18.82 34.87
CA GLU B 258 -20.31 17.78 35.17
C GLU B 258 -21.15 17.49 33.92
N THR B 259 -21.43 18.51 33.11
CA THR B 259 -22.20 18.38 31.88
C THR B 259 -21.62 19.21 30.78
N LEU B 260 -22.01 18.85 29.55
CA LEU B 260 -21.52 19.48 28.36
C LEU B 260 -22.46 20.45 27.70
N ASN B 261 -23.75 20.29 27.96
CA ASN B 261 -24.78 21.20 27.45
C ASN B 261 -24.79 21.21 25.95
N LEU B 262 -24.82 20.03 25.35
CA LEU B 262 -24.76 19.91 23.87
C LEU B 262 -26.14 19.74 23.20
N SER C 5 15.53 -13.58 6.68
CA SER C 5 14.31 -13.82 5.81
C SER C 5 13.26 -14.76 6.53
N MET C 6 13.74 -15.99 6.70
CA MET C 6 13.14 -16.96 7.56
C MET C 6 13.87 -17.01 8.89
N GLU C 7 14.83 -16.13 9.07
CA GLU C 7 15.64 -16.14 10.27
C GLU C 7 14.81 -15.97 11.57
N ASN C 8 13.69 -15.25 11.57
CA ASN C 8 12.82 -15.19 12.76
C ASN C 8 11.94 -16.37 13.03
N PHE C 9 11.89 -17.38 12.15
CA PHE C 9 11.07 -18.55 12.37
C PHE C 9 11.90 -19.74 12.83
N GLN C 10 11.42 -20.42 13.86
CA GLN C 10 12.07 -21.63 14.37
C GLN C 10 11.15 -22.80 14.00
N LYS C 11 11.64 -23.70 13.16
CA LYS C 11 10.86 -24.87 12.82
C LYS C 11 10.68 -25.75 14.06
N VAL C 12 9.46 -26.22 14.30
CA VAL C 12 9.10 -27.00 15.48
C VAL C 12 8.92 -28.46 15.10
N GLU C 13 8.24 -28.70 14.01
CA GLU C 13 8.09 -30.08 13.50
C GLU C 13 7.50 -30.07 12.14
N LYS C 14 7.69 -31.18 11.46
CA LYS C 14 7.09 -31.42 10.16
C LYS C 14 5.63 -31.75 10.36
N ILE C 15 4.73 -31.21 9.55
CA ILE C 15 3.30 -31.48 9.67
C ILE C 15 2.79 -32.35 8.55
N GLY C 16 3.62 -32.57 7.55
CA GLY C 16 3.29 -33.50 6.48
C GLY C 16 3.36 -32.72 5.19
N GLU C 17 2.35 -32.98 4.36
CA GLU C 17 2.25 -32.34 3.03
C GLU C 17 0.81 -32.15 2.60
N TYR C 20 3.19 -31.94 -2.42
N TYR C 20 4.13 -30.45 -4.65
CA TYR C 20 4.11 -30.81 -2.60
CA TYR C 20 4.84 -29.58 -3.70
C TYR C 20 3.48 -29.42 -2.22
C TYR C 20 3.84 -28.87 -2.78
N GLY C 21 4.22 -28.54 -1.52
CA GLY C 21 5.64 -28.85 -1.00
C GLY C 21 5.65 -29.57 0.36
N VAL C 22 6.43 -28.97 1.33
CA VAL C 22 6.51 -29.45 2.71
C VAL C 22 5.89 -28.45 3.72
N VAL C 23 5.11 -28.98 4.67
CA VAL C 23 4.43 -28.10 5.64
C VAL C 23 4.98 -28.35 7.04
N TYR C 24 5.51 -27.29 7.66
CA TYR C 24 6.05 -27.30 8.98
C TYR C 24 5.22 -26.43 9.95
N LYS C 25 5.23 -26.86 11.21
CA LYS C 25 4.85 -26.02 12.31
C LYS C 25 6.10 -25.27 12.71
N ALA C 26 5.94 -23.96 12.90
CA ALA C 26 7.03 -23.10 13.30
C ALA C 26 6.58 -22.03 14.30
N ARG C 27 7.53 -21.41 14.96
CA ARG C 27 7.19 -20.31 15.84
CA ARG C 27 7.28 -20.36 15.94
C ARG C 27 8.02 -19.09 15.49
N ASN C 28 7.36 -17.94 15.52
CA ASN C 28 8.03 -16.65 15.36
C ASN C 28 8.72 -16.36 16.65
N LYS C 29 10.06 -16.27 16.60
CA LYS C 29 10.85 -16.06 17.83
C LYS C 29 10.62 -14.72 18.53
N LEU C 30 10.23 -13.71 17.78
CA LEU C 30 10.09 -12.40 18.33
C LEU C 30 8.68 -12.17 18.87
N THR C 31 7.66 -12.70 18.22
CA THR C 31 6.28 -12.42 18.60
C THR C 31 5.63 -13.53 19.39
N GLY C 32 6.18 -14.75 19.28
CA GLY C 32 5.60 -15.94 19.87
C GLY C 32 4.57 -16.68 19.03
N GLU C 33 4.16 -16.08 17.93
CA GLU C 33 3.14 -16.65 17.11
C GLU C 33 3.60 -18.01 16.55
N VAL C 34 2.70 -18.99 16.62
CA VAL C 34 2.84 -20.26 16.01
C VAL C 34 2.13 -20.24 14.63
N VAL C 35 2.79 -20.74 13.63
CA VAL C 35 2.35 -20.66 12.27
C VAL C 35 2.57 -22.05 11.65
N ALA C 36 1.93 -22.22 10.52
CA ALA C 36 2.27 -23.30 9.61
C ALA C 36 2.98 -22.70 8.39
N LEU C 37 4.13 -23.25 8.05
CA LEU C 37 4.92 -22.81 6.88
C LEU C 37 4.80 -23.84 5.79
N LYS C 38 4.38 -23.39 4.64
CA LYS C 38 4.35 -24.29 3.45
C LYS C 38 5.49 -23.84 2.57
N LYS C 39 6.40 -24.73 2.31
CA LYS C 39 7.60 -24.43 1.53
C LYS C 39 7.37 -24.94 0.11
N ILE C 40 7.58 -24.03 -0.88
CA ILE C 40 7.29 -24.38 -2.31
C ILE C 40 8.56 -24.20 -3.13
N ARG C 41 9.06 -25.32 -3.65
CA ARG C 41 10.20 -25.28 -4.58
C ARG C 41 9.85 -24.54 -5.85
N LEU C 42 10.72 -23.65 -6.24
CA LEU C 42 10.59 -22.99 -7.55
C LEU C 42 11.53 -23.77 -8.49
N ASP C 43 10.95 -24.04 -9.64
CA ASP C 43 11.62 -24.66 -10.79
C ASP C 43 12.31 -23.59 -11.63
N THR C 44 13.39 -23.07 -11.06
CA THR C 44 14.06 -21.89 -11.60
C THR C 44 14.69 -22.08 -12.97
N GLU C 45 14.98 -23.29 -13.40
CA GLU C 45 15.54 -23.41 -14.76
C GLU C 45 14.52 -24.02 -15.74
N THR C 46 13.34 -24.36 -15.30
CA THR C 46 12.39 -25.12 -16.11
C THR C 46 11.02 -24.45 -16.18
N GLU C 47 10.12 -24.68 -15.26
CA GLU C 47 8.77 -24.22 -15.46
CA GLU C 47 8.73 -24.33 -15.33
C GLU C 47 8.39 -23.03 -14.57
N GLY C 48 9.27 -22.60 -13.70
CA GLY C 48 9.05 -21.41 -12.85
C GLY C 48 8.08 -21.65 -11.70
N VAL C 49 7.24 -20.67 -11.39
CA VAL C 49 6.35 -20.76 -10.27
C VAL C 49 5.17 -21.66 -10.65
N PRO C 50 4.83 -22.61 -9.80
CA PRO C 50 3.78 -23.54 -10.23
C PRO C 50 2.42 -22.88 -10.23
N SER C 51 1.59 -23.27 -11.18
CA SER C 51 0.35 -22.65 -11.33
C SER C 51 -0.54 -22.85 -10.13
N THR C 52 -0.38 -23.98 -9.48
CA THR C 52 -1.14 -24.26 -8.27
C THR C 52 -0.80 -23.23 -7.12
N ALA C 53 0.47 -22.82 -7.03
CA ALA C 53 0.89 -21.81 -6.07
C ALA C 53 0.37 -20.44 -6.44
N ILE C 54 0.42 -20.12 -7.72
CA ILE C 54 -0.12 -18.85 -8.23
C ILE C 54 -1.62 -18.67 -7.87
N ARG C 55 -2.40 -19.74 -8.10
CA ARG C 55 -3.79 -19.72 -7.68
C ARG C 55 -4.05 -19.72 -6.23
N GLU C 56 -3.35 -20.56 -5.47
CA GLU C 56 -3.54 -20.60 -4.06
C GLU C 56 -3.29 -19.23 -3.42
N ILE C 57 -2.15 -18.65 -3.77
CA ILE C 57 -1.79 -17.34 -3.19
C ILE C 57 -2.73 -16.22 -3.60
N SER C 58 -2.94 -16.07 -4.90
CA SER C 58 -3.77 -15.01 -5.39
C SER C 58 -5.20 -15.07 -4.85
N LEU C 59 -5.73 -16.27 -4.69
CA LEU C 59 -7.12 -16.40 -4.22
C LEU C 59 -7.23 -16.24 -2.72
N LEU C 60 -6.25 -16.76 -1.99
CA LEU C 60 -6.25 -16.60 -0.58
C LEU C 60 -6.04 -15.14 -0.12
N LYS C 61 -5.29 -14.36 -0.88
CA LYS C 61 -5.16 -12.96 -0.60
C LYS C 61 -6.51 -12.20 -0.63
N GLU C 62 -7.40 -12.61 -1.50
CA GLU C 62 -8.74 -12.00 -1.58
C GLU C 62 -9.68 -12.52 -0.51
N LEU C 63 -9.50 -13.76 -0.08
CA LEU C 63 -10.49 -14.41 0.77
C LEU C 63 -10.21 -14.18 2.25
N ASN C 64 -10.74 -13.16 2.84
CA ASN C 64 -10.58 -12.90 4.25
C ASN C 64 -11.83 -13.20 4.99
N HIS C 65 -11.83 -14.27 5.77
CA HIS C 65 -13.09 -14.73 6.44
C HIS C 65 -12.68 -15.64 7.62
N PRO C 66 -13.43 -15.60 8.71
CA PRO C 66 -13.12 -16.43 9.89
C PRO C 66 -13.05 -17.96 9.63
N ASN C 67 -13.73 -18.46 8.61
CA ASN C 67 -13.76 -19.88 8.31
C ASN C 67 -12.96 -20.30 7.07
N ILE C 68 -12.05 -19.42 6.67
CA ILE C 68 -11.05 -19.64 5.64
C ILE C 68 -9.69 -19.40 6.24
N VAL C 69 -8.81 -20.40 6.07
CA VAL C 69 -7.47 -20.35 6.58
C VAL C 69 -6.79 -19.02 6.15
N LYS C 70 -6.13 -18.38 7.12
CA LYS C 70 -5.50 -17.09 6.88
C LYS C 70 -4.08 -17.24 6.36
N LEU C 71 -3.83 -16.63 5.20
CA LEU C 71 -2.53 -16.52 4.65
C LEU C 71 -1.95 -15.27 5.32
N LEU C 72 -0.89 -15.38 6.13
CA LEU C 72 -0.27 -14.28 6.79
C LEU C 72 0.80 -13.56 6.03
N ASP C 73 1.61 -14.29 5.26
CA ASP C 73 2.71 -13.67 4.54
C ASP C 73 3.15 -14.63 3.40
N VAL C 74 3.85 -14.07 2.43
CA VAL C 74 4.55 -14.82 1.41
C VAL C 74 5.99 -14.31 1.44
N ILE C 75 6.93 -15.20 1.66
CA ILE C 75 8.35 -14.90 1.75
C ILE C 75 8.95 -15.56 0.54
N HIS C 76 9.53 -14.67 -0.25
CA HIS C 76 10.22 -14.98 -1.52
C HIS C 76 11.73 -15.21 -1.37
N THR C 77 12.23 -16.18 -2.06
CA THR C 77 13.67 -16.18 -2.32
C THR C 77 13.77 -16.46 -3.83
N GLU C 78 15.00 -16.40 -4.34
CA GLU C 78 15.31 -16.79 -5.69
C GLU C 78 14.79 -18.16 -5.96
N ASN C 79 14.96 -19.07 -4.97
CA ASN C 79 14.67 -20.49 -5.10
C ASN C 79 13.52 -21.10 -4.42
N LYS C 80 12.94 -20.48 -3.40
CA LYS C 80 11.79 -21.02 -2.68
C LYS C 80 10.79 -19.94 -2.42
N LEU C 81 9.55 -20.32 -2.31
CA LEU C 81 8.50 -19.50 -1.76
C LEU C 81 8.03 -20.20 -0.47
N TYR C 82 7.90 -19.42 0.59
CA TYR C 82 7.26 -19.87 1.81
C TYR C 82 5.95 -19.13 2.05
N LEU C 83 4.91 -19.89 2.22
CA LEU C 83 3.62 -19.33 2.60
C LEU C 83 3.50 -19.50 4.11
N VAL C 84 3.25 -18.39 4.79
CA VAL C 84 3.08 -18.40 6.24
C VAL C 84 1.59 -18.34 6.50
N PHE C 85 1.05 -19.39 7.13
CA PHE C 85 -0.36 -19.45 7.48
C PHE C 85 -0.56 -19.43 8.99
N GLU C 86 -1.73 -19.03 9.48
CA GLU C 86 -2.08 -19.27 10.82
C GLU C 86 -2.00 -20.77 11.09
N PHE C 87 -1.57 -21.16 12.31
CA PHE C 87 -1.53 -22.51 12.71
C PHE C 87 -2.86 -23.03 13.27
N LEU C 88 -3.34 -24.13 12.74
CA LEU C 88 -4.50 -24.77 13.36
C LEU C 88 -4.12 -26.14 13.79
N HIS C 89 -4.85 -26.63 14.76
CA HIS C 89 -4.21 -27.67 15.54
CA HIS C 89 -4.25 -27.70 15.60
C HIS C 89 -4.36 -29.13 14.95
N GLN C 90 -5.39 -29.36 14.15
CA GLN C 90 -5.46 -30.56 13.41
C GLN C 90 -6.56 -30.51 12.35
N ASP C 91 -6.61 -31.57 11.54
CA ASP C 91 -7.56 -31.61 10.48
C ASP C 91 -8.77 -32.48 10.89
N LEU C 92 -9.87 -32.36 10.15
CA LEU C 92 -11.14 -32.96 10.51
C LEU C 92 -11.07 -34.46 10.36
N LYS C 93 -10.26 -34.92 9.43
CA LYS C 93 -10.09 -36.37 9.25
C LYS C 93 -9.47 -37.06 10.49
N LYS C 94 -8.42 -36.44 11.01
CA LYS C 94 -7.79 -36.92 12.24
C LYS C 94 -8.76 -36.82 13.40
N PHE C 95 -9.55 -35.75 13.43
CA PHE C 95 -10.51 -35.58 14.50
C PHE C 95 -11.56 -36.68 14.45
N MET C 96 -12.06 -36.96 13.25
CA MET C 96 -13.04 -38.06 13.08
C MET C 96 -12.49 -39.38 13.50
N ASP C 97 -11.27 -39.70 13.06
CA ASP C 97 -10.62 -40.95 13.44
C ASP C 97 -10.46 -41.02 14.95
N ALA C 98 -10.07 -39.93 15.59
CA ALA C 98 -9.90 -39.99 17.03
C ALA C 98 -11.24 -40.22 17.73
N SER C 99 -12.31 -39.81 17.06
CA SER C 99 -13.69 -39.90 17.57
C SER C 99 -14.42 -41.11 17.07
N ALA C 100 -13.66 -42.06 16.50
CA ALA C 100 -14.35 -43.21 15.84
C ALA C 100 -15.22 -44.01 16.80
N LEU C 101 -14.69 -44.27 18.00
CA LEU C 101 -15.46 -44.93 19.00
C LEU C 101 -16.40 -43.99 19.72
N THR C 102 -15.91 -42.84 20.22
CA THR C 102 -16.75 -41.93 21.02
C THR C 102 -17.86 -41.34 20.26
N GLY C 103 -17.64 -41.01 18.99
CA GLY C 103 -18.58 -40.21 18.23
C GLY C 103 -18.33 -38.73 18.47
N ILE C 104 -18.92 -37.92 17.62
CA ILE C 104 -18.85 -36.45 17.64
C ILE C 104 -20.23 -35.93 18.09
N PRO C 105 -20.28 -35.19 19.19
CA PRO C 105 -21.56 -34.67 19.56
C PRO C 105 -22.26 -33.85 18.44
N LEU C 106 -23.57 -33.98 18.36
CA LEU C 106 -24.39 -33.26 17.36
C LEU C 106 -24.19 -31.77 17.33
N PRO C 107 -24.12 -31.12 18.50
CA PRO C 107 -23.92 -29.69 18.51
C PRO C 107 -22.67 -29.26 17.83
N LEU C 108 -21.61 -30.08 17.94
CA LEU C 108 -20.32 -29.77 17.29
C LEU C 108 -20.40 -30.02 15.80
N ILE C 109 -21.06 -31.10 15.41
CA ILE C 109 -21.29 -31.40 13.98
C ILE C 109 -22.06 -30.26 13.32
N LYS C 110 -23.11 -29.79 13.98
CA LYS C 110 -23.90 -28.73 13.49
C LYS C 110 -23.12 -27.41 13.38
N SER C 111 -22.34 -27.13 14.42
CA SER C 111 -21.48 -25.97 14.46
C SER C 111 -20.48 -26.02 13.28
N TYR C 112 -19.86 -27.20 13.07
CA TYR C 112 -18.84 -27.30 12.07
C TYR C 112 -19.48 -27.13 10.70
N LEU C 113 -20.61 -27.76 10.48
CA LEU C 113 -21.26 -27.65 9.20
C LEU C 113 -21.67 -26.23 8.87
N PHE C 114 -22.20 -25.52 9.90
CA PHE C 114 -22.59 -24.18 9.76
C PHE C 114 -21.38 -23.29 9.39
N GLN C 115 -20.28 -23.46 10.09
CA GLN C 115 -19.09 -22.68 9.74
C GLN C 115 -18.50 -23.02 8.36
N LEU C 116 -18.53 -24.28 7.96
CA LEU C 116 -18.07 -24.71 6.63
C LEU C 116 -18.91 -24.03 5.57
N LEU C 117 -20.20 -23.95 5.81
CA LEU C 117 -21.08 -23.34 4.82
C LEU C 117 -20.86 -21.82 4.75
N GLN C 118 -20.55 -21.21 5.89
CA GLN C 118 -20.26 -19.77 5.88
C GLN C 118 -19.00 -19.48 5.05
N GLY C 119 -17.98 -20.28 5.32
CA GLY C 119 -16.73 -20.19 4.57
C GLY C 119 -16.97 -20.37 3.10
N LEU C 120 -17.73 -21.41 2.77
CA LEU C 120 -17.98 -21.76 1.36
C LEU C 120 -18.81 -20.69 0.65
N ALA C 121 -19.84 -20.19 1.31
CA ALA C 121 -20.65 -19.15 0.74
C ALA C 121 -19.83 -17.88 0.44
N PHE C 122 -18.90 -17.57 1.32
CA PHE C 122 -17.92 -16.50 1.11
C PHE C 122 -17.08 -16.73 -0.15
N CYS C 123 -16.56 -17.96 -0.31
CA CYS C 123 -15.83 -18.34 -1.55
C CYS C 123 -16.68 -18.08 -2.77
N HIS C 124 -17.87 -18.67 -2.81
CA HIS C 124 -18.74 -18.60 -3.97
C HIS C 124 -19.19 -17.16 -4.25
N SER C 125 -19.39 -16.37 -3.22
CA SER C 125 -19.75 -14.97 -3.38
C SER C 125 -18.58 -14.16 -3.90
N HIS C 126 -17.40 -14.65 -3.76
CA HIS C 126 -16.19 -14.04 -4.33
C HIS C 126 -15.69 -14.80 -5.53
N ARG C 127 -16.60 -15.49 -6.23
CA ARG C 127 -16.31 -16.22 -7.47
C ARG C 127 -15.11 -17.16 -7.39
N VAL C 128 -14.99 -17.87 -6.30
CA VAL C 128 -13.96 -18.89 -6.11
C VAL C 128 -14.60 -20.22 -5.87
N LEU C 129 -14.25 -21.21 -6.70
CA LEU C 129 -14.57 -22.64 -6.48
C LEU C 129 -13.40 -23.27 -5.71
N HIS C 130 -13.70 -24.04 -4.64
CA HIS C 130 -12.65 -24.71 -3.90
C HIS C 130 -12.14 -25.97 -4.65
N ARG C 131 -13.05 -26.83 -4.96
CA ARG C 131 -12.84 -28.04 -5.74
C ARG C 131 -11.99 -29.17 -5.10
N ASP C 132 -11.72 -29.07 -3.80
CA ASP C 132 -11.05 -30.15 -3.13
C ASP C 132 -11.46 -30.19 -1.68
N LEU C 133 -12.75 -30.10 -1.43
CA LEU C 133 -13.23 -30.18 -0.08
C LEU C 133 -13.20 -31.63 0.30
N LYS C 134 -12.54 -31.93 1.40
CA LYS C 134 -12.42 -33.24 1.94
C LYS C 134 -11.92 -33.02 3.38
N PRO C 135 -12.13 -34.02 4.28
CA PRO C 135 -11.87 -33.73 5.68
C PRO C 135 -10.43 -33.42 5.96
N GLN C 136 -9.50 -33.93 5.15
CA GLN C 136 -8.05 -33.66 5.32
C GLN C 136 -7.73 -32.17 5.10
N ASN C 137 -8.59 -31.51 4.35
CA ASN C 137 -8.40 -30.12 3.98
C ASN C 137 -9.18 -29.10 4.85
N LEU C 138 -9.80 -29.58 5.90
CA LEU C 138 -10.57 -28.75 6.78
C LEU C 138 -9.91 -28.79 8.14
N LEU C 139 -9.59 -27.59 8.64
CA LEU C 139 -8.75 -27.50 9.84
C LEU C 139 -9.49 -26.94 11.05
N ILE C 140 -9.24 -27.52 12.22
CA ILE C 140 -9.90 -27.17 13.44
C ILE C 140 -8.92 -26.66 14.48
N ASN C 141 -9.44 -25.76 15.34
CA ASN C 141 -8.67 -25.33 16.49
C ASN C 141 -9.29 -25.79 17.78
N THR C 142 -8.70 -25.47 18.91
CA THR C 142 -9.14 -25.95 20.18
C THR C 142 -10.30 -25.12 20.73
N GLU C 143 -10.69 -24.07 20.04
CA GLU C 143 -11.78 -23.21 20.48
C GLU C 143 -13.10 -23.40 19.74
N GLY C 144 -13.15 -24.36 18.84
CA GLY C 144 -14.37 -24.67 18.17
C GLY C 144 -14.55 -24.15 16.78
N ALA C 145 -13.54 -23.50 16.22
CA ALA C 145 -13.60 -23.05 14.85
C ALA C 145 -13.18 -24.23 13.92
N ILE C 146 -13.71 -24.17 12.70
CA ILE C 146 -13.25 -24.97 11.56
C ILE C 146 -13.06 -24.05 10.35
N LYS C 147 -12.05 -24.34 9.54
CA LYS C 147 -11.68 -23.48 8.43
C LYS C 147 -11.37 -24.27 7.16
N LEU C 148 -11.81 -23.74 6.01
CA LEU C 148 -11.39 -24.27 4.73
C LEU C 148 -9.90 -24.02 4.51
N ALA C 149 -9.18 -25.03 4.06
CA ALA C 149 -7.79 -24.91 3.74
C ALA C 149 -7.48 -25.57 2.43
N ASP C 150 -6.20 -25.54 2.05
CA ASP C 150 -5.62 -26.07 0.82
C ASP C 150 -6.36 -25.65 -0.42
N PHE C 151 -6.09 -24.42 -0.80
CA PHE C 151 -6.68 -23.78 -1.98
C PHE C 151 -5.88 -24.00 -3.26
N GLY C 152 -5.00 -25.00 -3.25
CA GLY C 152 -4.19 -25.31 -4.44
C GLY C 152 -5.01 -25.77 -5.64
N LEU C 153 -6.18 -26.34 -5.42
CA LEU C 153 -7.01 -26.72 -6.56
C LEU C 153 -8.12 -25.73 -6.87
N ALA C 154 -8.13 -24.63 -6.16
CA ALA C 154 -9.20 -23.62 -6.31
C ALA C 154 -9.10 -22.92 -7.67
N ARG C 155 -10.18 -22.28 -8.05
CA ARG C 155 -10.14 -21.42 -9.25
C ARG C 155 -11.16 -20.28 -9.24
N ALA C 156 -10.75 -19.17 -9.84
CA ALA C 156 -11.57 -18.04 -9.90
C ALA C 156 -12.46 -18.32 -11.12
N PHE C 157 -13.77 -18.26 -10.96
CA PHE C 157 -14.69 -18.53 -12.04
C PHE C 157 -15.35 -17.27 -12.58
N GLY C 158 -15.93 -17.44 -13.76
CA GLY C 158 -16.68 -16.36 -14.41
C GLY C 158 -18.16 -16.72 -14.46
N VAL C 159 -18.97 -15.72 -14.78
CA VAL C 159 -20.40 -15.91 -14.80
C VAL C 159 -20.91 -15.62 -16.24
N PRO C 160 -21.45 -16.63 -16.94
CA PRO C 160 -21.60 -18.03 -16.56
C PRO C 160 -20.26 -18.77 -16.62
N VAL C 161 -20.17 -19.92 -15.96
CA VAL C 161 -18.93 -20.73 -15.99
C VAL C 161 -18.58 -21.19 -17.39
N ARG C 162 -17.28 -21.41 -17.60
CA ARG C 162 -16.73 -22.07 -18.80
C ARG C 162 -16.41 -23.53 -18.41
N THR C 163 -15.99 -24.34 -19.36
CA THR C 163 -15.38 -25.64 -19.06
C THR C 163 -14.02 -25.49 -18.32
N TYR C 164 -13.93 -26.13 -17.18
CA TYR C 164 -12.69 -26.03 -16.36
C TYR C 164 -12.07 -27.38 -16.24
N TPO C 165 -11.01 -27.51 -15.44
CA TPO C 165 -10.26 -28.76 -15.33
CB TPO C 165 -9.11 -28.57 -14.34
CG2 TPO C 165 -8.22 -29.83 -14.22
OG1 TPO C 165 -8.28 -27.57 -14.89
P TPO C 165 -8.19 -26.15 -14.10
O1P TPO C 165 -7.71 -26.50 -12.75
O2P TPO C 165 -9.63 -25.72 -14.00
O3P TPO C 165 -7.29 -25.23 -14.91
C TPO C 165 -11.16 -29.92 -14.89
O TPO C 165 -11.91 -29.77 -13.91
N HIS C 166 -11.09 -31.03 -15.63
CA HIS C 166 -11.86 -32.20 -15.25
C HIS C 166 -11.31 -32.92 -14.00
N GLU C 167 -9.99 -32.99 -13.88
CA GLU C 167 -9.38 -33.80 -12.82
CA GLU C 167 -9.24 -33.69 -12.84
C GLU C 167 -9.42 -33.01 -11.53
N VAL C 168 -10.62 -32.98 -10.98
CA VAL C 168 -10.84 -32.23 -9.74
C VAL C 168 -11.69 -32.98 -8.75
N VAL C 169 -11.39 -32.68 -7.50
CA VAL C 169 -11.98 -33.25 -6.33
C VAL C 169 -11.49 -34.73 -6.17
N THR C 170 -11.03 -35.09 -4.99
CA THR C 170 -10.73 -36.43 -4.66
C THR C 170 -12.01 -37.30 -4.90
N LEU C 171 -11.82 -38.52 -5.41
CA LEU C 171 -12.90 -39.38 -5.92
C LEU C 171 -14.13 -39.50 -4.99
N TRP C 172 -13.90 -39.81 -3.72
CA TRP C 172 -14.99 -40.04 -2.77
C TRP C 172 -15.91 -38.85 -2.56
N TYR C 173 -15.39 -37.63 -2.85
CA TYR C 173 -16.07 -36.37 -2.62
C TYR C 173 -16.49 -35.74 -3.94
N ARG C 174 -16.40 -36.47 -5.04
CA ARG C 174 -16.61 -35.94 -6.34
C ARG C 174 -18.08 -36.04 -6.79
N ALA C 175 -18.62 -34.90 -7.24
CA ALA C 175 -20.04 -34.77 -7.66
C ALA C 175 -20.29 -35.60 -8.92
N PRO C 176 -21.50 -36.09 -9.08
CA PRO C 176 -21.87 -36.90 -10.25
C PRO C 176 -21.66 -36.15 -11.57
N GLU C 177 -21.86 -34.83 -11.61
CA GLU C 177 -21.70 -34.11 -12.85
C GLU C 177 -20.21 -34.12 -13.33
N ILE C 178 -19.29 -34.28 -12.40
CA ILE C 178 -17.87 -34.39 -12.76
C ILE C 178 -17.57 -35.81 -13.24
N LEU C 179 -17.99 -36.80 -12.47
CA LEU C 179 -17.82 -38.19 -12.77
C LEU C 179 -18.37 -38.48 -14.12
N LEU C 180 -19.51 -37.88 -14.46
CA LEU C 180 -20.11 -38.18 -15.75
C LEU C 180 -19.55 -37.35 -16.87
N GLY C 181 -18.59 -36.48 -16.60
CA GLY C 181 -17.91 -35.69 -17.64
C GLY C 181 -18.80 -34.59 -18.26
N CYS C 182 -19.67 -33.95 -17.48
CA CYS C 182 -20.45 -32.83 -17.99
C CYS C 182 -19.53 -31.69 -18.43
N LYS C 183 -19.95 -30.98 -19.46
CA LYS C 183 -19.17 -29.88 -20.05
C LYS C 183 -18.90 -28.76 -18.99
N TYR C 184 -19.90 -28.53 -18.15
CA TYR C 184 -19.87 -27.46 -17.19
C TYR C 184 -20.11 -28.05 -15.83
N TYR C 185 -19.40 -27.53 -14.86
CA TYR C 185 -19.72 -27.72 -13.45
C TYR C 185 -19.54 -26.34 -12.78
N SER C 186 -20.15 -26.21 -11.60
CA SER C 186 -20.24 -24.93 -10.92
C SER C 186 -20.19 -25.11 -9.41
N THR C 187 -20.71 -24.13 -8.71
CA THR C 187 -20.64 -24.10 -7.26
C THR C 187 -21.24 -25.32 -6.58
N ALA C 188 -22.19 -25.95 -7.30
CA ALA C 188 -22.80 -27.19 -6.81
C ALA C 188 -21.77 -28.28 -6.48
N VAL C 189 -20.59 -28.29 -7.15
CA VAL C 189 -19.67 -29.36 -6.90
C VAL C 189 -19.14 -29.23 -5.47
N ASP C 190 -18.95 -28.04 -4.95
CA ASP C 190 -18.47 -27.92 -3.59
C ASP C 190 -19.51 -28.30 -2.55
N ILE C 191 -20.77 -28.00 -2.84
CA ILE C 191 -21.85 -28.38 -1.96
C ILE C 191 -21.95 -29.93 -1.82
N TRP C 192 -21.81 -30.62 -2.94
CA TRP C 192 -21.81 -32.10 -2.98
C TRP C 192 -20.76 -32.57 -2.03
N SER C 193 -19.55 -32.04 -2.15
CA SER C 193 -18.49 -32.42 -1.22
C SER C 193 -18.80 -32.20 0.26
N LEU C 194 -19.36 -31.06 0.59
CA LEU C 194 -19.78 -30.77 1.95
C LEU C 194 -20.87 -31.68 2.47
N GLY C 195 -21.77 -32.07 1.57
CA GLY C 195 -22.77 -33.05 1.89
C GLY C 195 -22.15 -34.36 2.31
N CYS C 196 -21.22 -34.83 1.52
CA CYS C 196 -20.48 -36.05 1.87
C CYS C 196 -19.82 -35.93 3.24
N ILE C 197 -19.29 -34.74 3.49
CA ILE C 197 -18.59 -34.46 4.74
C ILE C 197 -19.51 -34.41 5.93
N PHE C 198 -20.67 -33.79 5.75
CA PHE C 198 -21.76 -33.81 6.75
C PHE C 198 -22.06 -35.24 7.20
N ALA C 199 -22.32 -36.11 6.23
CA ALA C 199 -22.65 -37.53 6.55
C ALA C 199 -21.50 -38.21 7.25
N GLU C 200 -20.27 -37.89 6.83
CA GLU C 200 -19.07 -38.46 7.40
C GLU C 200 -18.78 -37.98 8.84
N MET C 201 -19.09 -36.75 9.17
CA MET C 201 -19.04 -36.29 10.56
C MET C 201 -19.98 -37.09 11.45
N VAL C 202 -21.14 -37.43 10.95
CA VAL C 202 -22.14 -38.23 11.69
C VAL C 202 -21.75 -39.74 11.88
N THR C 203 -21.23 -40.40 10.83
CA THR C 203 -20.91 -41.79 10.92
C THR C 203 -19.43 -42.05 11.23
N ARG C 204 -18.60 -41.04 10.96
CA ARG C 204 -17.12 -41.12 10.96
C ARG C 204 -16.61 -42.10 9.93
N ARG C 205 -17.37 -42.29 8.83
CA ARG C 205 -17.00 -43.13 7.75
C ARG C 205 -17.33 -42.38 6.48
N ALA C 206 -16.51 -42.52 5.46
CA ALA C 206 -16.83 -41.93 4.19
C ALA C 206 -18.17 -42.43 3.66
N LEU C 207 -18.96 -41.54 3.11
CA LEU C 207 -20.28 -41.88 2.58
C LEU C 207 -20.22 -42.70 1.32
N PHE C 208 -19.35 -42.31 0.40
CA PHE C 208 -19.22 -43.00 -0.87
C PHE C 208 -17.73 -43.38 -1.16
N PRO C 209 -17.21 -44.41 -0.47
CA PRO C 209 -15.77 -44.74 -0.61
C PRO C 209 -15.44 -45.62 -1.87
N GLY C 210 -15.62 -45.07 -3.03
CA GLY C 210 -15.54 -45.84 -4.24
C GLY C 210 -14.09 -46.23 -4.53
N ASP C 211 -13.92 -47.33 -5.23
CA ASP C 211 -12.60 -47.84 -5.60
C ASP C 211 -12.16 -47.44 -7.02
N SER C 212 -13.06 -46.84 -7.76
CA SER C 212 -12.91 -46.57 -9.16
C SER C 212 -14.05 -45.66 -9.51
N GLU C 213 -13.98 -45.03 -10.66
CA GLU C 213 -15.05 -44.14 -11.11
C GLU C 213 -16.41 -44.87 -11.25
N ILE C 214 -16.40 -46.07 -11.80
CA ILE C 214 -17.63 -46.83 -11.90
C ILE C 214 -18.17 -47.28 -10.54
N ASP C 215 -17.31 -47.70 -9.62
CA ASP C 215 -17.72 -48.09 -8.31
C ASP C 215 -18.29 -46.89 -7.57
N GLN C 216 -17.66 -45.72 -7.73
CA GLN C 216 -18.09 -44.46 -7.17
C GLN C 216 -19.51 -44.14 -7.59
N LEU C 217 -19.75 -44.25 -8.90
CA LEU C 217 -21.08 -43.97 -9.43
C LEU C 217 -22.11 -44.96 -8.89
N PHE C 218 -21.75 -46.24 -8.86
CA PHE C 218 -22.69 -47.27 -8.40
C PHE C 218 -23.03 -47.03 -6.94
N ARG C 219 -22.07 -46.60 -6.16
CA ARG C 219 -22.30 -46.33 -4.73
C ARG C 219 -23.28 -45.22 -4.51
N ILE C 220 -23.13 -44.20 -5.33
CA ILE C 220 -24.00 -43.01 -5.28
C ILE C 220 -25.46 -43.43 -5.68
N PHE C 221 -25.55 -44.09 -6.83
CA PHE C 221 -26.88 -44.61 -7.29
C PHE C 221 -27.60 -45.51 -6.35
N ARG C 222 -26.86 -46.44 -5.75
CA ARG C 222 -27.63 -47.37 -4.94
C ARG C 222 -28.04 -46.77 -3.61
N THR C 223 -27.42 -45.63 -3.23
CA THR C 223 -27.69 -45.05 -1.95
C THR C 223 -28.80 -44.05 -2.12
N LEU C 224 -28.74 -43.27 -3.21
CA LEU C 224 -29.68 -42.18 -3.40
C LEU C 224 -30.78 -42.51 -4.38
N GLY C 225 -30.61 -43.61 -5.10
CA GLY C 225 -31.72 -44.09 -5.95
C GLY C 225 -31.28 -43.92 -7.39
N THR C 226 -31.63 -44.93 -8.19
CA THR C 226 -30.83 -45.33 -9.38
C THR C 226 -31.44 -44.89 -10.70
N VAL C 257 -27.92 -42.47 6.75
CA VAL C 257 -27.39 -41.90 7.97
C VAL C 257 -28.44 -42.02 9.06
N PRO C 258 -28.54 -43.20 9.69
CA PRO C 258 -29.48 -43.41 10.79
C PRO C 258 -29.54 -42.36 11.91
N PRO C 259 -28.42 -41.95 12.52
CA PRO C 259 -28.56 -41.04 13.70
C PRO C 259 -29.10 -39.61 13.43
N LEU C 260 -29.29 -39.24 12.18
CA LEU C 260 -29.67 -37.90 11.84
C LEU C 260 -31.16 -37.64 12.05
N ASP C 261 -31.51 -36.51 12.69
CA ASP C 261 -32.90 -36.10 12.85
C ASP C 261 -33.55 -35.67 11.49
N GLU C 262 -34.82 -35.36 11.49
CA GLU C 262 -35.54 -34.98 10.28
C GLU C 262 -34.95 -33.73 9.53
N ASP C 263 -34.63 -32.70 10.30
CA ASP C 263 -34.11 -31.50 9.73
C ASP C 263 -32.75 -31.80 9.10
N GLY C 264 -31.92 -32.53 9.81
CA GLY C 264 -30.62 -32.93 9.32
C GLY C 264 -30.72 -33.66 8.01
N ARG C 265 -31.61 -34.62 7.99
CA ARG C 265 -31.77 -35.43 6.75
C ARG C 265 -32.29 -34.61 5.65
N SER C 266 -33.19 -33.66 5.96
CA SER C 266 -33.71 -32.77 4.93
C SER C 266 -32.55 -31.96 4.30
N LEU C 267 -31.70 -31.40 5.12
CA LEU C 267 -30.57 -30.64 4.62
C LEU C 267 -29.59 -31.51 3.79
N LEU C 268 -29.22 -32.64 4.36
CA LEU C 268 -28.39 -33.59 3.66
C LEU C 268 -28.98 -33.99 2.32
N SER C 269 -30.29 -34.29 2.25
CA SER C 269 -30.86 -34.65 0.98
C SER C 269 -30.74 -33.54 -0.10
N GLN C 270 -30.83 -32.30 0.35
CA GLN C 270 -30.74 -31.17 -0.54
C GLN C 270 -29.32 -30.87 -0.99
N MET C 271 -28.33 -31.17 -0.14
CA MET C 271 -26.92 -31.08 -0.50
C MET C 271 -26.48 -32.17 -1.49
N LEU C 272 -27.21 -33.25 -1.48
CA LEU C 272 -26.85 -34.40 -2.33
C LEU C 272 -27.81 -34.60 -3.47
N HIS C 273 -28.54 -33.59 -3.83
CA HIS C 273 -29.44 -33.64 -4.96
C HIS C 273 -28.60 -33.97 -6.20
N TYR C 274 -29.05 -34.92 -7.00
CA TYR C 274 -28.38 -35.26 -8.25
C TYR C 274 -28.23 -34.07 -9.22
N ASP C 275 -29.33 -33.43 -9.47
CA ASP C 275 -29.42 -32.30 -10.36
C ASP C 275 -28.67 -31.12 -9.69
N PRO C 276 -27.54 -30.71 -10.28
CA PRO C 276 -26.77 -29.55 -9.80
C PRO C 276 -27.59 -28.25 -9.72
N ASN C 277 -28.55 -28.12 -10.64
CA ASN C 277 -29.42 -26.98 -10.58
C ASN C 277 -30.34 -26.94 -9.38
N LYS C 278 -30.70 -28.13 -8.89
CA LYS C 278 -31.59 -28.20 -7.73
C LYS C 278 -30.91 -28.33 -6.45
N ARG C 279 -29.62 -28.69 -6.49
CA ARG C 279 -28.82 -28.80 -5.28
C ARG C 279 -28.84 -27.47 -4.55
N ILE C 280 -28.97 -27.53 -3.23
CA ILE C 280 -29.08 -26.32 -2.44
C ILE C 280 -27.76 -25.49 -2.50
N SER C 281 -27.86 -24.18 -2.46
CA SER C 281 -26.59 -23.36 -2.41
C SER C 281 -26.11 -23.25 -0.98
N ALA C 282 -24.85 -22.91 -0.75
CA ALA C 282 -24.38 -22.68 0.64
C ALA C 282 -25.17 -21.55 1.33
N LYS C 283 -25.44 -20.50 0.58
CA LYS C 283 -26.24 -19.38 1.09
C LYS C 283 -27.61 -19.82 1.58
N ALA C 284 -28.35 -20.56 0.77
CA ALA C 284 -29.61 -21.07 1.20
C ALA C 284 -29.55 -22.10 2.33
N ALA C 285 -28.48 -22.88 2.38
CA ALA C 285 -28.31 -23.88 3.44
C ALA C 285 -28.15 -23.26 4.83
N LEU C 286 -27.58 -22.05 4.88
CA LEU C 286 -27.38 -21.36 6.15
C LEU C 286 -28.69 -20.93 6.80
N ALA C 287 -29.74 -20.85 6.00
CA ALA C 287 -31.08 -20.55 6.48
C ALA C 287 -31.91 -21.81 6.76
N HIS C 288 -31.30 -23.01 6.72
CA HIS C 288 -32.07 -24.24 6.93
C HIS C 288 -32.44 -24.39 8.41
N PRO C 289 -33.64 -24.94 8.69
CA PRO C 289 -34.05 -25.14 10.11
C PRO C 289 -33.09 -25.96 10.93
N PHE C 290 -32.30 -26.83 10.32
CA PHE C 290 -31.29 -27.55 11.05
C PHE C 290 -30.43 -26.62 11.92
N PHE C 291 -30.20 -25.41 11.40
CA PHE C 291 -29.31 -24.51 12.09
C PHE C 291 -29.94 -23.57 13.11
N GLN C 292 -31.23 -23.71 13.36
CA GLN C 292 -31.95 -22.76 14.16
C GLN C 292 -31.35 -22.67 15.54
N ASP C 293 -30.84 -23.77 16.06
CA ASP C 293 -30.33 -23.73 17.43
C ASP C 293 -28.80 -23.89 17.47
N VAL C 294 -28.14 -23.44 16.42
CA VAL C 294 -26.68 -23.69 16.35
C VAL C 294 -25.94 -22.91 17.46
N THR C 295 -24.91 -23.54 18.01
CA THR C 295 -24.02 -22.96 19.01
C THR C 295 -22.62 -23.17 18.50
N LYS C 296 -21.63 -22.88 19.32
CA LYS C 296 -20.23 -23.12 18.98
C LYS C 296 -19.52 -23.82 20.15
N PRO C 297 -19.76 -25.13 20.34
CA PRO C 297 -19.02 -25.89 21.35
C PRO C 297 -17.56 -26.03 20.98
N VAL C 298 -16.78 -26.38 21.98
CA VAL C 298 -15.35 -26.62 21.89
C VAL C 298 -15.24 -28.12 21.58
N PRO C 299 -14.18 -28.58 20.87
CA PRO C 299 -14.14 -30.00 20.58
C PRO C 299 -13.61 -30.78 21.77
N HIS C 300 -13.95 -32.05 21.84
CA HIS C 300 -13.43 -32.91 22.91
C HIS C 300 -11.97 -33.29 22.53
N LEU C 301 -11.07 -32.31 22.64
CA LEU C 301 -9.71 -32.49 22.14
C LEU C 301 -8.85 -32.92 23.31
N GLY D 1 -29.57 -22.02 -14.87
CA GLY D 1 -29.18 -23.06 -13.91
C GLY D 1 -28.04 -22.60 -13.05
N VAL D 2 -27.52 -23.54 -12.28
CA VAL D 2 -26.43 -23.27 -11.36
C VAL D 2 -25.18 -22.75 -12.11
N ASN D 3 -25.06 -23.08 -13.38
CA ASN D 3 -23.98 -22.56 -14.21
C ASN D 3 -23.94 -21.04 -14.29
N GLU D 4 -25.06 -20.38 -13.98
CA GLU D 4 -25.03 -18.97 -14.07
C GLU D 4 -25.44 -17.99 -12.99
N VAL D 5 -25.05 -17.89 -11.74
CA VAL D 5 -24.93 -18.84 -10.58
C VAL D 5 -25.97 -17.98 -9.76
N PRO D 6 -27.24 -18.34 -9.76
CA PRO D 6 -28.30 -17.34 -9.38
C PRO D 6 -28.30 -16.81 -7.92
N ASP D 7 -27.76 -17.65 -7.04
CA ASP D 7 -27.64 -17.22 -5.64
C ASP D 7 -26.49 -16.25 -5.44
N TYR D 8 -25.56 -16.15 -6.38
CA TYR D 8 -24.33 -15.34 -6.14
C TYR D 8 -24.03 -14.27 -7.17
N HIS D 9 -24.78 -14.26 -8.27
CA HIS D 9 -24.36 -13.40 -9.40
C HIS D 9 -24.33 -11.94 -9.01
N GLU D 10 -25.25 -11.46 -8.21
CA GLU D 10 -25.30 -10.07 -7.72
C GLU D 10 -24.14 -9.76 -6.73
N ASP D 11 -23.88 -10.69 -5.82
CA ASP D 11 -22.72 -10.52 -4.92
C ASP D 11 -21.42 -10.45 -5.71
N ILE D 12 -21.25 -11.39 -6.64
CA ILE D 12 -20.07 -11.39 -7.52
C ILE D 12 -19.92 -10.09 -8.32
N HIS D 13 -21.00 -9.65 -8.99
CA HIS D 13 -20.94 -8.43 -9.71
C HIS D 13 -20.49 -7.24 -8.86
N THR D 14 -21.13 -7.08 -7.72
CA THR D 14 -20.68 -6.09 -6.74
C THR D 14 -19.20 -6.19 -6.39
N TYR D 15 -18.70 -7.39 -6.15
CA TYR D 15 -17.35 -7.60 -5.71
C TYR D 15 -16.40 -7.22 -6.83
N LEU D 16 -16.73 -7.62 -8.06
CA LEU D 16 -15.88 -7.29 -9.21
C LEU D 16 -15.81 -5.79 -9.43
N ARG D 17 -16.91 -5.12 -9.16
CA ARG D 17 -16.99 -3.68 -9.31
C ARG D 17 -16.03 -2.97 -8.31
N GLU D 18 -15.94 -3.49 -7.13
CA GLU D 18 -14.93 -3.08 -6.13
C GLU D 18 -13.52 -3.38 -6.59
N MET D 19 -13.27 -4.58 -7.04
CA MET D 19 -11.93 -4.99 -7.39
C MET D 19 -11.41 -4.36 -8.69
N GLU D 20 -12.25 -4.07 -9.66
CA GLU D 20 -11.71 -3.36 -10.84
C GLU D 20 -11.12 -2.01 -10.52
N VAL D 21 -11.65 -1.34 -9.52
CA VAL D 21 -11.10 -0.11 -9.05
C VAL D 21 -9.73 -0.31 -8.39
N LYS D 22 -9.56 -1.35 -7.61
CA LYS D 22 -8.28 -1.61 -6.95
C LYS D 22 -7.21 -2.19 -7.87
N CYS D 23 -7.58 -2.85 -8.96
CA CYS D 23 -6.65 -3.40 -9.92
C CYS D 23 -6.47 -2.53 -11.15
N LYS D 24 -6.92 -1.30 -11.11
CA LYS D 24 -6.83 -0.38 -12.20
C LYS D 24 -5.44 0.15 -12.36
N PRO D 25 -4.84 0.02 -13.55
CA PRO D 25 -3.56 0.65 -13.80
C PRO D 25 -3.65 2.16 -13.63
N LYS D 26 -2.49 2.80 -13.45
CA LYS D 26 -2.40 4.21 -13.43
C LYS D 26 -2.58 4.82 -14.82
N VAL D 27 -3.63 5.67 -14.92
CA VAL D 27 -3.99 6.38 -16.17
C VAL D 27 -2.81 7.25 -16.61
N GLY D 28 -2.37 7.18 -17.84
CA GLY D 28 -1.19 8.04 -18.23
C GLY D 28 0.14 7.69 -17.53
N TYR D 29 0.34 6.44 -17.13
CA TYR D 29 1.66 5.95 -16.70
C TYR D 29 2.74 6.08 -17.78
N MET D 30 2.28 6.08 -19.03
CA MET D 30 3.19 6.12 -20.15
C MET D 30 3.99 7.45 -20.20
N LYS D 31 3.40 8.51 -19.71
CA LYS D 31 4.04 9.83 -19.58
C LYS D 31 5.20 9.80 -18.62
N LYS D 32 5.19 8.82 -17.67
CA LYS D 32 6.33 8.68 -16.74
C LYS D 32 7.30 7.60 -17.13
N GLN D 33 7.06 6.97 -18.30
CA GLN D 33 8.00 5.99 -18.88
C GLN D 33 8.94 6.67 -19.87
N PRO D 34 10.22 6.87 -19.54
CA PRO D 34 11.02 7.72 -20.46
C PRO D 34 11.34 6.97 -21.76
N ASP D 35 11.32 5.62 -21.80
CA ASP D 35 11.85 4.90 -22.94
C ASP D 35 10.79 4.22 -23.80
N ILE D 36 9.56 4.17 -23.34
CA ILE D 36 8.50 3.47 -24.07
C ILE D 36 7.22 4.33 -24.24
N THR D 37 6.42 3.97 -25.24
CA THR D 37 5.28 4.78 -25.63
C THR D 37 4.06 3.95 -25.84
N ASN D 38 2.92 4.64 -25.97
CA ASN D 38 1.62 3.99 -26.24
C ASN D 38 1.68 3.17 -27.51
N SER D 39 2.43 3.67 -28.51
CA SER D 39 2.62 2.97 -29.79
C SER D 39 3.34 1.62 -29.62
N MET D 40 4.39 1.64 -28.83
CA MET D 40 5.08 0.41 -28.50
C MET D 40 4.19 -0.61 -27.76
N ARG D 41 3.36 -0.07 -26.86
CA ARG D 41 2.44 -0.91 -26.10
C ARG D 41 1.43 -1.54 -27.05
N ALA D 42 0.96 -0.77 -28.02
CA ALA D 42 -0.02 -1.29 -28.98
C ALA D 42 0.63 -2.42 -29.79
N ILE D 43 1.86 -2.25 -30.22
CA ILE D 43 2.60 -3.30 -30.88
C ILE D 43 2.62 -4.61 -30.01
N LEU D 44 2.87 -4.38 -28.71
CA LEU D 44 3.01 -5.53 -27.83
C LEU D 44 1.67 -6.27 -27.63
N VAL D 45 0.64 -5.49 -27.43
CA VAL D 45 -0.65 -6.03 -27.23
C VAL D 45 -1.16 -6.79 -28.49
N ASP D 46 -0.90 -6.22 -29.65
CA ASP D 46 -1.25 -6.84 -30.92
C ASP D 46 -0.50 -8.16 -31.09
N TRP D 47 0.77 -8.19 -30.71
CA TRP D 47 1.52 -9.43 -30.75
C TRP D 47 0.94 -10.49 -29.77
N LEU D 48 0.53 -10.10 -28.57
CA LEU D 48 -0.13 -11.02 -27.62
C LEU D 48 -1.43 -11.59 -28.21
N VAL D 49 -2.16 -10.79 -29.00
CA VAL D 49 -3.32 -11.34 -29.66
C VAL D 49 -2.88 -12.48 -30.58
N GLU D 50 -1.86 -12.24 -31.40
CA GLU D 50 -1.34 -13.30 -32.26
C GLU D 50 -0.91 -14.53 -31.49
N VAL D 51 -0.27 -14.34 -30.37
CA VAL D 51 0.15 -15.44 -29.51
C VAL D 51 -1.04 -16.21 -29.05
N GLY D 52 -2.06 -15.52 -28.56
CA GLY D 52 -3.27 -16.20 -28.07
C GLY D 52 -3.92 -17.00 -29.18
N GLU D 53 -3.81 -16.50 -30.41
CA GLU D 53 -4.35 -17.29 -31.53
C GLU D 53 -3.50 -18.45 -31.93
N GLU D 54 -2.18 -18.27 -31.99
CA GLU D 54 -1.28 -19.37 -32.26
C GLU D 54 -1.49 -20.53 -31.26
N TYR D 55 -1.60 -20.22 -29.98
CA TYR D 55 -1.74 -21.27 -28.92
C TYR D 55 -3.17 -21.57 -28.49
N LYS D 56 -4.16 -21.00 -29.20
CA LYS D 56 -5.57 -21.22 -28.93
C LYS D 56 -5.92 -20.97 -27.46
N LEU D 57 -5.44 -19.83 -26.94
CA LEU D 57 -5.67 -19.45 -25.54
C LEU D 57 -7.03 -18.78 -25.44
N GLN D 58 -7.59 -18.82 -24.24
CA GLN D 58 -8.83 -18.08 -23.98
C GLN D 58 -8.67 -16.58 -24.17
N ASN D 59 -9.71 -15.89 -24.61
CA ASN D 59 -9.68 -14.44 -24.60
C ASN D 59 -9.46 -13.83 -23.22
N GLU D 60 -9.95 -14.50 -22.21
CA GLU D 60 -9.83 -14.03 -20.82
C GLU D 60 -8.35 -13.94 -20.48
N THR D 61 -7.57 -14.92 -20.90
CA THR D 61 -6.14 -14.93 -20.68
C THR D 61 -5.43 -13.73 -21.23
N LEU D 62 -5.78 -13.37 -22.45
CA LEU D 62 -5.29 -12.15 -23.09
C LEU D 62 -5.56 -10.89 -22.27
N HIS D 63 -6.81 -10.73 -21.88
CA HIS D 63 -7.23 -9.60 -21.10
C HIS D 63 -6.45 -9.54 -19.79
N LEU D 64 -6.26 -10.67 -19.13
CA LEU D 64 -5.52 -10.69 -17.88
C LEU D 64 -4.10 -10.22 -18.10
N ALA D 65 -3.51 -10.71 -19.19
CA ALA D 65 -2.11 -10.37 -19.48
C ALA D 65 -1.94 -8.88 -19.61
N VAL D 66 -2.89 -8.24 -20.32
CA VAL D 66 -2.85 -6.84 -20.50
C VAL D 66 -2.90 -6.05 -19.18
N ASN D 67 -3.81 -6.48 -18.31
CA ASN D 67 -4.00 -5.90 -17.04
C ASN D 67 -2.66 -6.03 -16.28
N TYR D 68 -2.01 -7.17 -16.34
CA TYR D 68 -0.76 -7.42 -15.63
C TYR D 68 0.34 -6.47 -16.11
N ILE D 69 0.45 -6.33 -17.41
CA ILE D 69 1.41 -5.47 -18.07
C ILE D 69 1.19 -4.02 -17.64
N ASP D 70 -0.05 -3.58 -17.71
CA ASP D 70 -0.36 -2.16 -17.39
C ASP D 70 -0.09 -1.83 -15.93
N ARG D 71 -0.44 -2.75 -15.04
CA ARG D 71 -0.10 -2.57 -13.62
C ARG D 71 1.38 -2.65 -13.36
N PHE D 72 2.11 -3.50 -14.03
CA PHE D 72 3.56 -3.59 -13.91
C PHE D 72 4.26 -2.28 -14.37
N LEU D 73 3.85 -1.81 -15.53
CA LEU D 73 4.43 -0.57 -16.04
C LEU D 73 3.94 0.66 -15.29
N SER D 74 2.88 0.53 -14.50
CA SER D 74 2.48 1.64 -13.67
C SER D 74 3.49 1.86 -12.54
N SER D 75 4.25 0.84 -12.16
CA SER D 75 5.27 1.09 -11.11
C SER D 75 6.72 0.79 -11.46
N MET D 76 6.98 0.23 -12.59
CA MET D 76 8.34 -0.14 -12.96
C MET D 76 8.70 0.50 -14.28
N SER D 77 9.80 1.27 -14.28
CA SER D 77 10.37 1.79 -15.55
C SER D 77 11.01 0.64 -16.31
N VAL D 78 10.67 0.56 -17.59
CA VAL D 78 11.18 -0.51 -18.48
C VAL D 78 11.78 0.01 -19.76
N LEU D 79 12.95 -0.47 -20.15
CA LEU D 79 13.56 -0.04 -21.37
C LEU D 79 12.85 -0.72 -22.52
N ARG D 80 12.92 -0.11 -23.68
CA ARG D 80 12.18 -0.66 -24.82
C ARG D 80 12.59 -2.08 -25.14
N GLY D 81 13.89 -2.37 -25.07
CA GLY D 81 14.39 -3.70 -25.41
C GLY D 81 13.82 -4.80 -24.49
N LYS D 82 13.24 -4.42 -23.35
CA LYS D 82 12.74 -5.36 -22.39
C LYS D 82 11.23 -5.41 -22.30
N LEU D 83 10.55 -4.58 -23.09
CA LEU D 83 9.11 -4.47 -22.98
C LEU D 83 8.44 -5.82 -23.38
N GLN D 84 9.03 -6.45 -24.40
CA GLN D 84 8.52 -7.74 -24.84
C GLN D 84 8.74 -8.84 -23.79
N LEU D 85 9.82 -8.74 -23.01
CA LEU D 85 10.01 -9.63 -21.93
C LEU D 85 8.97 -9.59 -20.84
N VAL D 86 8.58 -8.37 -20.47
CA VAL D 86 7.53 -8.12 -19.57
C VAL D 86 6.20 -8.72 -20.09
N GLY D 87 5.95 -8.48 -21.38
CA GLY D 87 4.79 -9.03 -21.98
C GLY D 87 4.74 -10.55 -22.05
N THR D 88 5.87 -11.13 -22.41
CA THR D 88 5.93 -12.54 -22.45
C THR D 88 5.65 -13.17 -21.11
N ALA D 89 6.29 -12.64 -20.06
CA ALA D 89 6.06 -13.08 -18.72
C ALA D 89 4.61 -12.90 -18.25
N ALA D 90 4.00 -11.81 -18.63
CA ALA D 90 2.59 -11.58 -18.27
C ALA D 90 1.66 -12.60 -18.89
N MET D 91 1.93 -12.91 -20.17
CA MET D 91 1.13 -13.91 -20.85
C MET D 91 1.31 -15.28 -20.23
N LEU D 92 2.53 -15.63 -19.80
CA LEU D 92 2.79 -16.90 -19.14
C LEU D 92 1.97 -17.02 -17.84
N LEU D 93 2.06 -15.97 -17.05
CA LEU D 93 1.34 -15.89 -15.81
C LEU D 93 -0.17 -15.99 -15.99
N ALA D 94 -0.67 -15.22 -16.98
CA ALA D 94 -2.10 -15.26 -17.24
C ALA D 94 -2.50 -16.69 -17.61
N SER D 95 -1.68 -17.35 -18.45
CA SER D 95 -1.96 -18.67 -18.89
C SER D 95 -1.97 -19.62 -17.70
N LYS D 96 -0.98 -19.50 -16.83
CA LYS D 96 -0.93 -20.36 -15.66
C LYS D 96 -2.20 -20.14 -14.78
N PHE D 97 -2.61 -18.89 -14.62
CA PHE D 97 -3.81 -18.58 -13.85
C PHE D 97 -5.08 -19.15 -14.43
N GLU D 98 -5.25 -18.87 -15.71
CA GLU D 98 -6.55 -19.05 -16.39
C GLU D 98 -6.74 -20.32 -17.23
N GLU D 99 -5.69 -20.85 -17.87
CA GLU D 99 -5.83 -22.01 -18.76
C GLU D 99 -5.85 -23.37 -18.07
N ILE D 100 -6.62 -24.30 -18.62
CA ILE D 100 -6.60 -25.66 -18.17
C ILE D 100 -5.23 -26.21 -18.58
N TYR D 101 -4.80 -25.92 -19.80
CA TYR D 101 -3.56 -26.45 -20.36
C TYR D 101 -2.69 -25.31 -20.87
N PRO D 102 -2.02 -24.63 -19.94
CA PRO D 102 -1.17 -23.58 -20.46
C PRO D 102 0.00 -24.10 -21.34
N PRO D 103 0.47 -23.28 -22.30
CA PRO D 103 1.70 -23.65 -23.01
C PRO D 103 2.85 -23.73 -22.02
N GLU D 104 3.86 -24.54 -22.34
CA GLU D 104 4.99 -24.63 -21.46
CA GLU D 104 5.04 -24.67 -21.52
C GLU D 104 5.89 -23.42 -21.69
N VAL D 105 6.77 -23.18 -20.72
CA VAL D 105 7.71 -22.06 -20.80
C VAL D 105 8.50 -22.04 -22.11
N ALA D 106 8.86 -23.19 -22.61
CA ALA D 106 9.64 -23.26 -23.80
C ALA D 106 8.89 -22.67 -24.98
N GLU D 107 7.56 -22.80 -25.01
CA GLU D 107 6.78 -22.23 -26.07
C GLU D 107 6.81 -20.74 -25.99
N PHE D 108 6.72 -20.20 -24.76
CA PHE D 108 6.88 -18.78 -24.62
C PHE D 108 8.27 -18.27 -24.98
N VAL D 109 9.33 -19.05 -24.84
CA VAL D 109 10.63 -18.52 -25.23
C VAL D 109 10.68 -18.51 -26.76
N TYR D 110 10.23 -19.63 -27.35
CA TYR D 110 10.16 -19.83 -28.78
C TYR D 110 9.39 -18.66 -29.47
N ILE D 111 8.24 -18.27 -28.93
CA ILE D 111 7.50 -17.19 -29.60
C ILE D 111 8.20 -15.81 -29.61
N THR D 112 9.14 -15.58 -28.72
CA THR D 112 9.91 -14.31 -28.77
C THR D 112 11.10 -14.47 -29.71
N ASP D 113 10.99 -15.47 -30.58
N ASP D 113 10.92 -15.31 -30.73
CA ASP D 113 11.95 -15.79 -31.65
CA ASP D 113 11.97 -16.22 -31.23
C ASP D 113 13.37 -15.26 -31.43
C ASP D 113 13.33 -15.60 -31.50
N ASP D 114 14.16 -15.85 -30.52
CA ASP D 114 15.62 -15.50 -30.43
C ASP D 114 15.91 -14.50 -29.29
N THR D 115 15.05 -13.48 -29.13
CA THR D 115 15.32 -12.33 -28.30
C THR D 115 15.86 -12.61 -26.83
N TYR D 116 15.10 -13.39 -26.07
CA TYR D 116 15.36 -13.59 -24.67
C TYR D 116 15.69 -15.04 -24.29
N THR D 117 16.45 -15.24 -23.24
CA THR D 117 16.68 -16.62 -22.82
C THR D 117 15.50 -17.13 -22.01
N LYS D 118 15.43 -18.42 -21.83
CA LYS D 118 14.47 -19.00 -20.91
C LYS D 118 14.66 -18.45 -19.48
N LYS D 119 15.90 -18.27 -19.11
CA LYS D 119 16.23 -17.82 -17.75
C LYS D 119 15.58 -16.47 -17.48
N GLN D 120 15.69 -15.60 -18.48
CA GLN D 120 15.17 -14.24 -18.40
C GLN D 120 13.64 -14.28 -18.29
N VAL D 121 12.98 -15.19 -19.00
CA VAL D 121 11.55 -15.30 -18.93
C VAL D 121 11.13 -15.71 -17.52
N LEU D 122 11.80 -16.65 -16.99
CA LEU D 122 11.47 -17.20 -15.66
C LEU D 122 11.76 -16.19 -14.51
N ARG D 123 12.87 -15.51 -14.65
CA ARG D 123 13.21 -14.44 -13.69
C ARG D 123 12.17 -13.28 -13.75
N MET D 124 11.78 -12.93 -14.96
CA MET D 124 10.75 -11.91 -15.16
C MET D 124 9.41 -12.34 -14.61
N GLU D 125 9.06 -13.61 -14.77
CA GLU D 125 7.86 -14.15 -14.18
C GLU D 125 7.78 -13.82 -12.66
N HIS D 126 8.87 -14.16 -12.00
CA HIS D 126 9.02 -13.94 -10.59
C HIS D 126 8.95 -12.47 -10.22
N LEU D 127 9.66 -11.63 -10.98
CA LEU D 127 9.58 -10.20 -10.73
C LEU D 127 8.15 -9.63 -10.92
N VAL D 128 7.48 -9.98 -12.00
CA VAL D 128 6.08 -9.59 -12.18
C VAL D 128 5.22 -9.99 -10.98
N LEU D 129 5.33 -11.23 -10.53
CA LEU D 129 4.60 -11.72 -9.32
C LEU D 129 4.86 -10.86 -8.08
N LYS D 130 6.11 -10.49 -7.87
CA LYS D 130 6.50 -9.67 -6.76
C LYS D 130 5.88 -8.26 -6.88
N VAL D 131 6.01 -7.66 -8.05
CA VAL D 131 5.52 -6.32 -8.27
C VAL D 131 4.00 -6.28 -8.13
N LEU D 132 3.29 -7.29 -8.60
CA LEU D 132 1.84 -7.35 -8.48
C LEU D 132 1.39 -7.94 -7.13
N THR D 133 2.36 -8.32 -6.31
CA THR D 133 2.10 -8.97 -5.01
C THR D 133 1.15 -10.15 -5.14
N PHE D 134 1.30 -10.95 -6.22
CA PHE D 134 0.50 -12.11 -6.50
C PHE D 134 -0.99 -11.79 -6.64
N ASP D 135 -1.33 -10.53 -6.93
CA ASP D 135 -2.71 -10.12 -7.02
C ASP D 135 -3.17 -10.24 -8.47
N LEU D 136 -3.47 -11.48 -8.86
CA LEU D 136 -3.69 -11.79 -10.22
C LEU D 136 -5.13 -12.03 -10.67
N ALA D 137 -6.06 -12.13 -9.73
CA ALA D 137 -7.43 -12.37 -10.04
C ALA D 137 -8.12 -11.06 -10.35
N ALA D 138 -7.77 -10.42 -11.45
CA ALA D 138 -8.30 -9.12 -11.82
C ALA D 138 -9.52 -9.24 -12.64
N PRO D 139 -10.50 -8.41 -12.40
CA PRO D 139 -11.65 -8.34 -13.28
C PRO D 139 -11.27 -7.82 -14.64
N THR D 140 -11.94 -8.32 -15.68
CA THR D 140 -11.62 -7.96 -17.05
C THR D 140 -12.89 -7.57 -17.76
N ILE D 141 -12.74 -6.93 -18.92
CA ILE D 141 -13.85 -6.58 -19.76
C ILE D 141 -14.71 -7.82 -19.98
N ASN D 142 -14.04 -8.92 -20.26
CA ASN D 142 -14.73 -10.17 -20.53
C ASN D 142 -15.59 -10.67 -19.41
N GLN D 143 -15.12 -10.57 -18.17
CA GLN D 143 -15.93 -11.00 -17.03
C GLN D 143 -17.21 -10.20 -16.91
N PHE D 144 -17.18 -8.93 -17.25
CA PHE D 144 -18.41 -8.19 -17.23
C PHE D 144 -19.29 -8.52 -18.41
N LEU D 145 -18.72 -8.64 -19.62
CA LEU D 145 -19.46 -8.95 -20.81
C LEU D 145 -20.29 -10.25 -20.71
N THR D 146 -19.68 -11.29 -20.20
CA THR D 146 -20.36 -12.56 -20.08
C THR D 146 -21.54 -12.49 -19.15
N GLN D 147 -21.47 -11.67 -18.09
CA GLN D 147 -22.64 -11.39 -17.28
C GLN D 147 -23.71 -10.53 -18.04
N TYR D 148 -23.21 -9.54 -18.80
CA TYR D 148 -24.12 -8.68 -19.55
C TYR D 148 -24.88 -9.49 -20.60
N PHE D 149 -24.20 -10.49 -21.15
CA PHE D 149 -24.78 -11.35 -22.20
C PHE D 149 -25.97 -12.13 -21.69
N LEU D 150 -26.06 -12.36 -20.40
CA LEU D 150 -27.21 -13.08 -19.87
C LEU D 150 -28.48 -12.28 -19.92
N HIS D 151 -28.39 -10.97 -20.12
CA HIS D 151 -29.57 -10.10 -20.25
C HIS D 151 -30.14 -10.03 -21.64
N GLN D 152 -29.53 -10.68 -22.64
CA GLN D 152 -30.10 -10.73 -23.98
C GLN D 152 -31.26 -11.68 -23.93
N GLN D 153 -32.28 -11.42 -24.66
CA GLN D 153 -33.42 -12.34 -24.73
C GLN D 153 -33.85 -12.35 -26.22
N PRO D 154 -33.47 -13.39 -27.00
CA PRO D 154 -32.60 -14.49 -26.65
C PRO D 154 -31.17 -14.06 -26.94
N ALA D 155 -30.22 -14.92 -26.57
CA ALA D 155 -28.84 -14.67 -26.93
C ALA D 155 -28.70 -14.56 -28.45
N ASN D 156 -27.81 -13.67 -28.88
CA ASN D 156 -27.48 -13.50 -30.29
C ASN D 156 -25.97 -13.62 -30.39
N CYS D 157 -25.46 -14.61 -31.10
CA CYS D 157 -24.03 -14.91 -31.24
C CYS D 157 -23.26 -13.81 -31.91
N LYS D 158 -23.85 -13.17 -32.91
CA LYS D 158 -23.13 -12.08 -33.61
C LYS D 158 -22.92 -10.91 -32.62
N VAL D 159 -23.91 -10.60 -31.82
CA VAL D 159 -23.86 -9.57 -30.79
C VAL D 159 -22.68 -9.89 -29.83
N GLU D 160 -22.66 -11.10 -29.34
CA GLU D 160 -21.61 -11.52 -28.39
C GLU D 160 -20.23 -11.41 -28.97
N SER D 161 -20.04 -11.94 -30.18
CA SER D 161 -18.75 -11.89 -30.82
C SER D 161 -18.33 -10.47 -31.15
N LEU D 162 -19.29 -9.63 -31.54
CA LEU D 162 -18.98 -8.25 -31.86
C LEU D 162 -18.59 -7.51 -30.57
N ALA D 163 -19.35 -7.75 -29.50
CA ALA D 163 -18.97 -7.10 -28.25
C ALA D 163 -17.55 -7.45 -27.78
N MET D 164 -17.21 -8.70 -28.06
CA MET D 164 -15.86 -9.21 -27.66
C MET D 164 -14.78 -8.57 -28.51
N PHE D 165 -15.04 -8.49 -29.79
CA PHE D 165 -14.19 -7.78 -30.77
C PHE D 165 -13.92 -6.33 -30.33
N LEU D 166 -14.97 -5.63 -29.96
CA LEU D 166 -14.84 -4.21 -29.58
C LEU D 166 -14.03 -4.05 -28.27
N GLY D 167 -14.32 -4.93 -27.32
CA GLY D 167 -13.62 -4.87 -26.04
C GLY D 167 -12.15 -5.13 -26.31
N GLU D 168 -11.90 -6.09 -27.19
CA GLU D 168 -10.50 -6.47 -27.47
C GLU D 168 -9.79 -5.30 -28.21
N LEU D 169 -10.45 -4.60 -29.15
CA LEU D 169 -9.78 -3.47 -29.77
C LEU D 169 -9.36 -2.43 -28.67
N SER D 170 -10.12 -2.32 -27.59
CA SER D 170 -9.81 -1.31 -26.61
C SER D 170 -8.46 -1.60 -25.92
N LEU D 171 -8.08 -2.86 -25.85
CA LEU D 171 -6.84 -3.28 -25.19
C LEU D 171 -5.64 -2.67 -25.79
N ILE D 172 -5.77 -2.36 -27.09
CA ILE D 172 -4.63 -1.94 -27.93
C ILE D 172 -4.21 -0.52 -27.61
N ASP D 173 -5.16 0.36 -27.36
CA ASP D 173 -4.92 1.82 -27.30
C ASP D 173 -5.05 2.35 -25.85
N ALA D 174 -3.92 2.48 -25.18
CA ALA D 174 -3.87 3.02 -23.82
C ALA D 174 -4.51 4.41 -23.71
N ASP D 175 -4.31 5.20 -24.79
CA ASP D 175 -4.98 6.39 -24.96
C ASP D 175 -6.03 6.14 -26.04
N PRO D 176 -7.34 6.19 -25.69
CA PRO D 176 -7.96 6.63 -24.46
C PRO D 176 -8.30 5.58 -23.41
N TYR D 177 -8.20 4.27 -23.68
CA TYR D 177 -8.96 3.30 -22.88
C TYR D 177 -8.51 3.07 -21.43
N LEU D 178 -7.26 3.39 -21.09
CA LEU D 178 -6.82 3.35 -19.72
C LEU D 178 -7.69 4.21 -18.76
N LYS D 179 -8.31 5.28 -19.26
CA LYS D 179 -9.23 6.11 -18.45
C LYS D 179 -10.49 5.34 -18.01
N TYR D 180 -10.83 4.28 -18.71
CA TYR D 180 -12.09 3.65 -18.49
C TYR D 180 -11.95 2.33 -17.77
N LEU D 181 -12.89 2.08 -16.88
CA LEU D 181 -12.90 0.81 -16.18
C LEU D 181 -13.45 -0.34 -17.05
N PRO D 182 -13.00 -1.58 -16.82
CA PRO D 182 -13.51 -2.74 -17.59
C PRO D 182 -15.00 -2.84 -17.66
N SER D 183 -15.73 -2.59 -16.58
CA SER D 183 -17.19 -2.67 -16.60
C SER D 183 -17.87 -1.67 -17.58
N VAL D 184 -17.26 -0.49 -17.72
CA VAL D 184 -17.65 0.57 -18.56
C VAL D 184 -17.32 0.31 -20.02
N ILE D 185 -16.10 -0.11 -20.31
CA ILE D 185 -15.79 -0.55 -21.62
C ILE D 185 -16.71 -1.68 -22.10
N ALA D 186 -16.93 -2.64 -21.22
CA ALA D 186 -17.80 -3.75 -21.54
C ALA D 186 -19.22 -3.29 -21.85
N ALA D 187 -19.72 -2.35 -21.08
CA ALA D 187 -21.07 -1.82 -21.29
C ALA D 187 -21.16 -1.08 -22.58
N ALA D 188 -20.17 -0.25 -22.89
CA ALA D 188 -20.13 0.45 -24.15
C ALA D 188 -20.05 -0.54 -25.34
N ALA D 189 -19.20 -1.55 -25.21
CA ALA D 189 -19.06 -2.59 -26.26
C ALA D 189 -20.33 -3.39 -26.50
N PHE D 190 -21.05 -3.74 -25.41
CA PHE D 190 -22.27 -4.50 -25.50
C PHE D 190 -23.35 -3.64 -26.16
N HIS D 191 -23.52 -2.40 -25.73
CA HIS D 191 -24.46 -1.51 -26.34
C HIS D 191 -24.12 -1.29 -27.84
N LEU D 192 -22.88 -1.01 -28.13
CA LEU D 192 -22.50 -0.75 -29.52
C LEU D 192 -22.67 -1.97 -30.42
N ALA D 193 -22.39 -3.16 -29.90
CA ALA D 193 -22.61 -4.43 -30.63
C ALA D 193 -24.09 -4.68 -30.83
N LEU D 194 -24.85 -4.55 -29.74
CA LEU D 194 -26.27 -4.77 -29.77
C LEU D 194 -26.91 -3.83 -30.82
N TYR D 195 -26.50 -2.56 -30.82
CA TYR D 195 -27.04 -1.58 -31.77
C TYR D 195 -26.66 -1.89 -33.20
N THR D 196 -25.40 -2.24 -33.44
CA THR D 196 -24.89 -2.51 -34.77
C THR D 196 -25.66 -3.65 -35.42
N VAL D 197 -25.86 -4.72 -34.66
CA VAL D 197 -26.48 -5.93 -35.16
C VAL D 197 -28.03 -5.89 -35.15
N THR D 198 -28.62 -5.49 -34.05
CA THR D 198 -30.06 -5.58 -33.92
C THR D 198 -30.84 -4.27 -33.91
N GLY D 199 -30.15 -3.17 -33.68
CA GLY D 199 -30.88 -1.87 -33.63
C GLY D 199 -31.25 -1.55 -32.21
N GLN D 200 -31.06 -2.49 -31.32
CA GLN D 200 -31.43 -2.35 -29.92
C GLN D 200 -30.42 -1.61 -29.06
N SER D 201 -30.85 -1.21 -27.86
CA SER D 201 -30.02 -0.49 -26.89
C SER D 201 -29.82 -1.11 -25.55
N TRP D 202 -28.75 -0.69 -24.88
CA TRP D 202 -28.45 -1.02 -23.51
C TRP D 202 -29.76 -1.20 -22.78
N PRO D 203 -30.06 -2.47 -22.37
CA PRO D 203 -31.39 -2.72 -21.82
C PRO D 203 -31.54 -2.19 -20.43
N GLU D 204 -32.76 -1.88 -20.10
CA GLU D 204 -33.10 -1.37 -18.79
C GLU D 204 -32.65 -2.29 -17.69
N SER D 205 -32.71 -3.59 -17.93
CA SER D 205 -32.35 -4.52 -16.92
C SER D 205 -30.88 -4.33 -16.47
N LEU D 206 -30.03 -3.96 -17.43
CA LEU D 206 -28.62 -3.71 -17.17
C LEU D 206 -28.39 -2.31 -16.60
N VAL D 207 -29.30 -1.37 -16.87
CA VAL D 207 -29.31 -0.14 -16.13
C VAL D 207 -29.44 -0.46 -14.67
N GLN D 208 -30.41 -1.29 -14.34
CA GLN D 208 -30.70 -1.69 -12.96
C GLN D 208 -29.52 -2.39 -12.34
N LYS D 209 -28.94 -3.35 -13.04
CA LYS D 209 -27.79 -4.09 -12.55
C LYS D 209 -26.55 -3.23 -12.33
N THR D 210 -26.20 -2.42 -13.31
CA THR D 210 -24.97 -1.72 -13.23
C THR D 210 -24.99 -0.33 -12.73
N GLY D 211 -26.14 0.29 -12.74
CA GLY D 211 -26.22 1.71 -12.42
C GLY D 211 -25.83 2.59 -13.60
N TYR D 212 -25.42 1.99 -14.72
CA TYR D 212 -24.98 2.77 -15.89
C TYR D 212 -26.12 3.05 -16.87
N THR D 213 -26.13 4.25 -17.43
CA THR D 213 -27.05 4.59 -18.49
C THR D 213 -26.28 5.02 -19.70
N LEU D 214 -27.00 5.17 -20.78
CA LEU D 214 -26.35 5.63 -22.00
C LEU D 214 -25.73 6.99 -21.75
N GLU D 215 -26.30 7.82 -20.91
CA GLU D 215 -25.69 9.09 -20.56
C GLU D 215 -24.29 8.89 -19.90
N THR D 216 -24.16 7.94 -18.97
CA THR D 216 -22.95 7.62 -18.26
C THR D 216 -21.94 7.03 -19.16
N LEU D 217 -22.47 6.25 -20.08
CA LEU D 217 -21.63 5.54 -21.01
C LEU D 217 -21.20 6.40 -22.21
N LYS D 218 -21.82 7.57 -22.40
CA LYS D 218 -21.54 8.40 -23.57
C LYS D 218 -20.06 8.58 -23.92
N PRO D 219 -19.27 9.12 -23.01
CA PRO D 219 -17.87 9.35 -23.39
C PRO D 219 -17.12 8.10 -23.90
N CYS D 220 -17.27 6.98 -23.20
CA CYS D 220 -16.64 5.73 -23.63
C CYS D 220 -17.16 5.25 -24.99
N LEU D 221 -18.48 5.37 -25.12
CA LEU D 221 -19.17 4.99 -26.33
C LEU D 221 -18.66 5.78 -27.54
N LEU D 222 -18.56 7.08 -27.40
CA LEU D 222 -18.02 7.97 -28.42
C LEU D 222 -16.60 7.55 -28.82
N ASP D 223 -15.77 7.23 -27.85
CA ASP D 223 -14.39 6.78 -28.16
C ASP D 223 -14.42 5.45 -28.89
N LEU D 224 -15.23 4.50 -28.39
CA LEU D 224 -15.33 3.16 -28.98
C LEU D 224 -15.86 3.12 -30.40
N HIS D 225 -16.77 4.01 -30.67
CA HIS D 225 -17.38 4.15 -31.96
C HIS D 225 -16.33 4.63 -32.96
N GLN D 226 -15.53 5.63 -32.61
CA GLN D 226 -14.43 6.14 -33.41
C GLN D 226 -13.42 5.06 -33.58
N THR D 227 -13.05 4.35 -32.53
CA THR D 227 -12.15 3.24 -32.66
C THR D 227 -12.70 2.21 -33.65
N TYR D 228 -13.96 1.91 -33.56
CA TYR D 228 -14.58 0.97 -34.47
C TYR D 228 -14.54 1.45 -35.88
N LEU D 229 -14.94 2.70 -36.12
CA LEU D 229 -14.88 3.30 -37.46
C LEU D 229 -13.50 3.35 -38.03
N ARG D 230 -12.46 3.57 -37.20
CA ARG D 230 -11.09 3.66 -37.75
C ARG D 230 -10.35 2.36 -37.78
N ALA D 231 -10.98 1.30 -37.30
CA ALA D 231 -10.23 0.04 -37.20
C ALA D 231 -9.50 -0.51 -38.46
N PRO D 232 -10.12 -0.43 -39.67
CA PRO D 232 -9.42 -0.91 -40.84
C PRO D 232 -8.10 -0.19 -41.16
N GLN D 233 -7.90 1.00 -40.62
CA GLN D 233 -6.63 1.73 -40.84
C GLN D 233 -5.65 1.69 -39.77
N HIS D 234 -5.99 1.16 -38.62
CA HIS D 234 -5.07 1.13 -37.48
C HIS D 234 -3.84 0.33 -37.85
N ALA D 235 -2.67 0.79 -37.40
CA ALA D 235 -1.45 0.04 -37.64
C ALA D 235 -1.51 -1.39 -37.12
N GLN D 236 -2.31 -1.64 -36.08
CA GLN D 236 -2.44 -2.98 -35.53
C GLN D 236 -3.71 -3.61 -36.02
N GLN D 237 -3.57 -4.83 -36.57
CA GLN D 237 -4.63 -5.47 -37.34
C GLN D 237 -4.91 -6.95 -36.92
N SER D 238 -4.21 -7.46 -35.90
CA SER D 238 -4.39 -8.87 -35.52
C SER D 238 -5.80 -9.20 -35.00
N ILE D 239 -6.41 -8.28 -34.25
CA ILE D 239 -7.76 -8.46 -33.73
C ILE D 239 -8.76 -8.51 -34.89
N ARG D 240 -8.70 -7.58 -35.82
CA ARG D 240 -9.51 -7.66 -37.01
C ARG D 240 -9.36 -8.98 -37.75
N GLU D 241 -8.12 -9.38 -37.95
CA GLU D 241 -7.87 -10.63 -38.64
C GLU D 241 -8.51 -11.77 -37.93
N LYS D 242 -8.28 -11.84 -36.61
CA LYS D 242 -8.79 -12.87 -35.76
C LYS D 242 -10.29 -13.00 -35.90
N TYR D 243 -10.99 -11.87 -35.88
CA TYR D 243 -12.42 -11.85 -35.84
C TYR D 243 -13.11 -11.96 -37.24
N LYS D 244 -12.32 -12.21 -38.28
CA LYS D 244 -12.83 -12.62 -39.57
C LYS D 244 -13.17 -14.07 -39.60
N ASN D 245 -12.59 -14.85 -38.73
CA ASN D 245 -12.76 -16.32 -38.60
CA ASN D 245 -12.78 -16.29 -38.73
C ASN D 245 -14.22 -16.67 -38.29
N SER D 246 -14.71 -17.80 -38.80
CA SER D 246 -16.09 -18.23 -38.56
C SER D 246 -16.30 -18.53 -37.06
N LYS D 247 -15.24 -18.90 -36.36
CA LYS D 247 -15.30 -19.11 -34.91
C LYS D 247 -15.95 -17.87 -34.20
N TYR D 248 -15.66 -16.68 -34.73
CA TYR D 248 -16.20 -15.43 -34.22
C TYR D 248 -17.21 -14.80 -35.15
N HIS D 249 -17.87 -15.64 -35.91
CA HIS D 249 -18.94 -15.24 -36.81
C HIS D 249 -18.59 -14.18 -37.82
N GLY D 250 -17.31 -14.05 -38.16
CA GLY D 250 -16.91 -12.98 -39.12
C GLY D 250 -17.27 -11.59 -38.74
N VAL D 251 -17.44 -11.29 -37.44
CA VAL D 251 -17.96 -10.00 -37.08
C VAL D 251 -17.12 -8.79 -37.47
N SER D 252 -15.85 -8.98 -37.64
CA SER D 252 -14.96 -7.84 -38.01
C SER D 252 -15.25 -7.39 -39.42
N LEU D 253 -16.05 -8.14 -40.16
CA LEU D 253 -16.44 -7.81 -41.52
C LEU D 253 -17.71 -6.97 -41.60
N LEU D 254 -18.44 -6.93 -40.51
CA LEU D 254 -19.66 -6.11 -40.47
C LEU D 254 -19.29 -4.62 -40.63
N ASN D 255 -20.18 -3.84 -41.22
CA ASN D 255 -19.97 -2.40 -41.27
C ASN D 255 -20.39 -1.70 -40.05
N PRO D 256 -19.51 -0.83 -39.51
CA PRO D 256 -19.92 -0.16 -38.27
C PRO D 256 -21.08 0.79 -38.60
N PRO D 257 -21.96 1.09 -37.64
CA PRO D 257 -22.97 2.13 -37.89
C PRO D 257 -22.32 3.48 -38.10
N GLU D 258 -22.91 4.28 -38.97
CA GLU D 258 -22.43 5.60 -39.29
C GLU D 258 -22.57 6.55 -38.12
N THR D 259 -23.68 6.41 -37.39
CA THR D 259 -24.06 7.25 -36.31
C THR D 259 -24.71 6.44 -35.22
N LEU D 260 -24.74 7.05 -34.04
CA LEU D 260 -25.18 6.36 -32.83
C LEU D 260 -26.57 6.75 -32.40
N ASN D 261 -26.96 7.97 -32.70
CA ASN D 261 -28.23 8.47 -32.18
C ASN D 261 -28.32 8.48 -30.63
N LEU D 262 -28.23 9.68 -30.06
CA LEU D 262 -28.36 9.86 -28.64
C LEU D 262 -29.35 10.97 -28.35
N1 75X E . 21.81 9.38 -6.22
C2 75X E . 21.18 9.17 -7.40
N2 75X E . 19.93 8.80 -7.32
N3 75X E . 21.83 9.30 -8.59
C4 75X E . 23.16 9.71 -8.52
C5 75X E . 23.81 9.95 -7.36
C6 75X E . 23.12 9.76 -6.22
O6 75X E . 23.84 9.96 -5.08
N7 75X E . 25.11 10.36 -7.61
C8 75X E . 25.24 10.36 -8.99
N9 75X E . 24.06 9.98 -9.49
CAK 75X E . 23.07 10.13 -3.82
CAL 75X E . 23.99 11.14 -3.22
CAN 75X E . 26.32 10.60 -9.78
CAO 75X E . 26.57 9.68 -10.87
CAP 75X E . 27.70 9.81 -11.68
CAQ 75X E . 28.58 10.91 -11.51
CAR 75X E . 28.34 11.78 -10.44
CAS 75X E . 27.23 11.65 -9.57
CAT 75X E . 27.00 12.58 -8.53
OAU 75X E . 29.18 12.86 -10.20
CAV 75X E . 23.42 12.60 -3.26
CAW 75X E . 24.57 13.51 -2.96
CAX 75X E . 25.26 13.09 -1.64
CAY 75X E . 25.71 11.64 -1.59
CAZ 75X E . 24.44 10.70 -1.86
MG MG F . -7.80 6.47 17.62
MG MG G . -7.79 -10.65 22.44
N1 75X H . -2.19 -25.62 7.65
C2 75X H . -2.36 -24.90 8.79
N2 75X H . -2.54 -23.66 8.55
N3 75X H . -2.28 -25.47 10.04
C4 75X H . -2.16 -26.86 10.11
C5 75X H . -2.02 -27.62 8.96
C6 75X H . -2.03 -26.97 7.77
O6 75X H . -1.92 -27.70 6.61
N7 75X H . -1.89 -28.96 9.34
C8 75X H . -1.97 -29.00 10.71
N9 75X H . -2.11 -27.73 11.17
CAK 75X H . -2.37 -27.07 5.34
CAL 75X H . -2.65 -28.35 4.68
CAN 75X H . -1.77 -30.04 11.57
CAO 75X H . -0.84 -29.81 12.66
CAP 75X H . -0.47 -30.75 13.62
CAQ 75X H . -1.05 -32.02 13.58
CAR 75X H . -1.93 -32.27 12.51
CAS 75X H . -2.31 -31.34 11.47
CAT 75X H . -3.23 -31.64 10.42
OAU 75X H . -2.46 -33.49 12.45
CAV 75X H . -4.18 -28.57 4.37
CAW 75X H . -4.32 -30.09 4.38
CAX 75X H . -3.54 -30.66 3.17
CAY 75X H . -2.04 -30.23 3.17
CAZ 75X H . -1.77 -28.66 3.44
MG MG I . -9.09 0.57 -19.26
MG MG J . 6.89 7.61 -22.48
#